data_5QJJ
#
_entry.id   5QJJ
#
_cell.length_a   48.863
_cell.length_b   59.604
_cell.length_c   79.855
_cell.angle_alpha   79.700
_cell.angle_beta   81.810
_cell.angle_gamma   76.080
#
_symmetry.space_group_name_H-M   'P 1'
#
loop_
_entity.id
_entity.type
_entity.pdbx_description
1 polymer 'ADP-sugar pyrophosphatase'
2 non-polymer 'MAGNESIUM ION'
3 non-polymer 'CHLORIDE ION'
4 non-polymer 1,2-ETHANEDIOL
5 non-polymer 'methyl 3-(methylsulfonylamino)benzoate'
6 water water
#
_entity_poly.entity_id   1
_entity_poly.type   'polypeptide(L)'
_entity_poly.pdbx_seq_one_letter_code
;SMESQEPTESSQNGKQYIISEELISEGKWVKLEKTTYMDPTGKTRTWESVKRTTRKEQTADGVAVIPVLQRTLHYECIVL
VKQFRPPMGGYCIEFPAGLIDDGETPEAAALRELEEETGYKGDIAECSPAVCMDPGLSNCTIHIVTVTINGDDAENARPK
PKPGDGEFVEVISLPKNDLLQRLDALVAEEHLTVDARVYSYALALKHAN
;
_entity_poly.pdbx_strand_id   A,B,C,D
#
loop_
_chem_comp.id
_chem_comp.type
_chem_comp.name
_chem_comp.formula
6SU non-polymer 'methyl 3-(methylsulfonylamino)benzoate' 'C9 H11 N O4 S'
CL non-polymer 'CHLORIDE ION' 'Cl -1'
EDO non-polymer 1,2-ETHANEDIOL 'C2 H6 O2'
MG non-polymer 'MAGNESIUM ION' 'Mg 2'
#
# COMPACT_ATOMS: atom_id res chain seq x y z
N LYS A 15 -43.08 -18.59 5.49
CA LYS A 15 -44.07 -18.22 4.46
C LYS A 15 -43.74 -18.84 3.09
N GLN A 16 -42.49 -18.68 2.59
CA GLN A 16 -42.12 -19.22 1.24
C GLN A 16 -41.35 -20.51 1.31
N TYR A 17 -41.53 -21.32 0.27
CA TYR A 17 -40.95 -22.68 0.30
C TYR A 17 -41.05 -23.31 -1.04
N ILE A 18 -40.24 -24.34 -1.21
CA ILE A 18 -40.13 -25.09 -2.44
C ILE A 18 -41.27 -26.10 -2.54
N ILE A 19 -41.92 -26.11 -3.70
CA ILE A 19 -42.93 -27.10 -4.08
C ILE A 19 -42.34 -28.27 -4.89
N SER A 20 -41.61 -28.02 -5.95
CA SER A 20 -40.96 -29.12 -6.64
C SER A 20 -39.74 -28.61 -7.38
N GLU A 21 -38.85 -29.53 -7.75
CA GLU A 21 -37.63 -29.21 -8.50
C GLU A 21 -37.61 -30.19 -9.67
N GLU A 22 -37.56 -29.69 -10.89
CA GLU A 22 -37.69 -30.49 -12.09
C GLU A 22 -36.40 -30.34 -12.81
N LEU A 23 -35.77 -31.47 -13.12
CA LEU A 23 -34.50 -31.42 -13.82
C LEU A 23 -34.78 -30.92 -15.25
N ILE A 24 -33.98 -29.99 -15.73
CA ILE A 24 -34.06 -29.55 -17.11
C ILE A 24 -32.91 -30.11 -17.96
N SER A 25 -31.70 -30.04 -17.45
CA SER A 25 -30.53 -30.59 -18.10
C SER A 25 -29.44 -30.85 -17.09
N GLU A 26 -28.76 -31.99 -17.22
CA GLU A 26 -27.73 -32.45 -16.31
C GLU A 26 -26.45 -32.76 -17.10
N GLY A 27 -25.33 -32.11 -16.77
CA GLY A 27 -23.97 -32.44 -17.24
C GLY A 27 -23.26 -33.31 -16.24
N LYS A 28 -21.95 -33.46 -16.43
CA LYS A 28 -21.10 -34.19 -15.47
C LYS A 28 -20.94 -33.40 -14.16
N TRP A 29 -20.95 -32.05 -14.27
CA TRP A 29 -20.61 -31.16 -13.17
C TRP A 29 -21.70 -30.16 -12.70
N VAL A 30 -22.57 -29.73 -13.64
CA VAL A 30 -23.61 -28.73 -13.39
C VAL A 30 -24.95 -29.20 -13.99
N LYS A 31 -26.03 -28.94 -13.26
CA LYS A 31 -27.37 -29.10 -13.74
C LYS A 31 -28.19 -27.82 -13.62
N LEU A 32 -29.16 -27.72 -14.51
CA LEU A 32 -30.18 -26.73 -14.52
C LEU A 32 -31.54 -27.35 -14.17
N GLU A 33 -32.24 -26.70 -13.23
CA GLU A 33 -33.52 -27.15 -12.71
C GLU A 33 -34.57 -26.06 -12.87
N LYS A 34 -35.84 -26.50 -13.07
CA LYS A 34 -37.01 -25.60 -12.99
C LYS A 34 -37.54 -25.71 -11.58
N THR A 35 -37.54 -24.61 -10.83
CA THR A 35 -37.87 -24.67 -9.42
C THR A 35 -39.22 -24.06 -9.27
N THR A 36 -40.15 -24.78 -8.64
CA THR A 36 -41.47 -24.24 -8.32
C THR A 36 -41.57 -24.01 -6.85
N TYR A 37 -42.05 -22.83 -6.49
CA TYR A 37 -42.12 -22.43 -5.09
C TYR A 37 -43.34 -21.60 -4.84
N MET A 38 -43.64 -21.47 -3.56
CA MET A 38 -44.79 -20.75 -3.08
C MET A 38 -44.36 -19.35 -2.67
N ASP A 39 -45.01 -18.36 -3.26
CA ASP A 39 -44.67 -16.96 -2.93
C ASP A 39 -45.42 -16.57 -1.66
N PRO A 40 -45.06 -15.45 -1.04
CA PRO A 40 -45.69 -15.12 0.25
C PRO A 40 -47.13 -14.63 0.15
N THR A 41 -47.61 -14.21 -1.03
CA THR A 41 -49.07 -13.98 -1.24
C THR A 41 -49.88 -15.28 -1.32
N GLY A 42 -49.24 -16.45 -1.43
CA GLY A 42 -49.92 -17.74 -1.63
C GLY A 42 -49.99 -18.19 -3.09
N LYS A 43 -49.36 -17.43 -3.99
CA LYS A 43 -49.24 -17.80 -5.38
C LYS A 43 -47.99 -18.71 -5.67
N THR A 44 -48.24 -19.80 -6.39
CA THR A 44 -47.25 -20.60 -7.08
C THR A 44 -46.45 -19.79 -8.16
N ARG A 45 -45.12 -19.91 -8.15
CA ARG A 45 -44.21 -19.33 -9.14
C ARG A 45 -42.99 -20.25 -9.46
N THR A 46 -42.30 -19.98 -10.57
CA THR A 46 -41.10 -20.75 -10.93
C THR A 46 -39.85 -19.86 -11.06
N TRP A 47 -38.74 -20.55 -11.09
CA TRP A 47 -37.40 -19.96 -11.14
C TRP A 47 -36.54 -20.96 -11.87
N GLU A 48 -35.51 -20.52 -12.53
CA GLU A 48 -34.49 -21.39 -13.04
C GLU A 48 -33.25 -21.42 -12.14
N SER A 49 -32.94 -22.60 -11.59
CA SER A 49 -31.88 -22.79 -10.64
C SER A 49 -30.76 -23.62 -11.19
N VAL A 50 -29.54 -23.17 -10.94
CA VAL A 50 -28.33 -23.94 -11.20
C VAL A 50 -27.90 -24.69 -9.97
N LYS A 51 -27.47 -25.93 -10.15
CA LYS A 51 -26.82 -26.66 -9.09
C LYS A 51 -25.62 -27.46 -9.58
N ARG A 52 -24.71 -27.79 -8.68
CA ARG A 52 -23.64 -28.73 -9.03
C ARG A 52 -24.15 -30.18 -8.82
N THR A 53 -23.63 -31.09 -9.64
CA THR A 53 -23.85 -32.55 -9.46
C THR A 53 -22.92 -33.22 -8.43
N THR A 54 -21.93 -32.48 -7.96
CA THR A 54 -20.90 -33.00 -7.09
C THR A 54 -21.18 -33.02 -5.58
N ARG A 55 -22.22 -32.36 -5.10
CA ARG A 55 -22.38 -32.16 -3.68
C ARG A 55 -23.05 -33.36 -3.10
N LYS A 56 -22.55 -33.84 -1.97
CA LYS A 56 -22.93 -35.12 -1.43
C LYS A 56 -23.48 -34.88 -0.03
N GLU A 57 -22.76 -35.34 1.00
CA GLU A 57 -23.04 -34.94 2.39
C GLU A 57 -22.17 -33.75 2.88
N GLN A 58 -21.46 -33.04 1.98
CA GLN A 58 -20.65 -31.88 2.41
C GLN A 58 -21.61 -30.79 2.87
N THR A 59 -21.19 -30.10 3.92
CA THR A 59 -21.94 -28.93 4.43
C THR A 59 -22.00 -27.79 3.41
N ALA A 60 -21.29 -27.92 2.28
CA ALA A 60 -21.15 -26.91 1.26
C ALA A 60 -20.42 -27.54 0.11
N ASP A 61 -20.48 -26.89 -1.05
CA ASP A 61 -19.77 -27.36 -2.22
C ASP A 61 -18.25 -27.28 -2.09
N GLY A 62 -17.81 -26.16 -1.54
CA GLY A 62 -16.46 -25.82 -1.56
C GLY A 62 -16.01 -24.97 -0.40
N VAL A 63 -14.75 -24.66 -0.45
CA VAL A 63 -14.11 -23.72 0.46
C VAL A 63 -13.41 -22.64 -0.33
N ALA A 64 -13.35 -21.46 0.26
CA ALA A 64 -12.41 -20.44 -0.19
C ALA A 64 -11.50 -20.06 1.05
N VAL A 65 -10.23 -19.83 0.82
CA VAL A 65 -9.32 -19.61 1.88
C VAL A 65 -8.85 -18.15 1.91
N ILE A 66 -8.93 -17.53 3.08
CA ILE A 66 -8.35 -16.22 3.30
C ILE A 66 -7.02 -16.46 3.95
N PRO A 67 -5.94 -16.41 3.19
CA PRO A 67 -4.65 -16.80 3.74
C PRO A 67 -3.81 -15.56 4.07
N VAL A 68 -3.62 -15.34 5.37
CA VAL A 68 -2.88 -14.18 5.88
C VAL A 68 -1.46 -14.59 6.16
N LEU A 69 -0.55 -14.16 5.30
CA LEU A 69 0.82 -14.53 5.36
C LEU A 69 1.45 -13.57 6.31
N GLN A 70 2.05 -14.11 7.37
CA GLN A 70 2.62 -13.31 8.49
C GLN A 70 4.10 -13.62 8.54
N ARG A 71 4.94 -12.58 8.55
CA ARG A 71 6.39 -12.70 8.64
C ARG A 71 6.91 -11.56 9.43
N THR A 72 7.94 -11.84 10.23
CA THR A 72 8.45 -10.83 11.18
C THR A 72 9.02 -9.67 10.38
N LEU A 73 8.66 -8.47 10.76
CA LEU A 73 9.16 -7.24 10.06
C LEU A 73 8.74 -7.15 8.58
N HIS A 74 7.60 -7.80 8.28
CA HIS A 74 6.84 -7.61 7.04
C HIS A 74 5.42 -7.23 7.41
N TYR A 75 4.81 -6.41 6.55
CA TYR A 75 3.41 -6.16 6.59
C TYR A 75 2.68 -7.46 6.27
N GLU A 76 1.53 -7.71 6.87
CA GLU A 76 0.79 -8.97 6.57
C GLU A 76 0.35 -8.93 5.15
N CYS A 77 0.36 -10.08 4.48
CA CYS A 77 -0.11 -10.09 3.08
C CYS A 77 -1.30 -11.02 2.99
N ILE A 78 -2.12 -10.80 1.94
CA ILE A 78 -3.20 -11.71 1.61
C ILE A 78 -2.69 -12.45 0.42
N VAL A 79 -2.78 -13.78 0.47
CA VAL A 79 -2.28 -14.57 -0.62
C VAL A 79 -3.48 -14.89 -1.57
N LEU A 80 -3.30 -14.63 -2.86
CA LEU A 80 -4.33 -14.74 -3.88
C LEU A 80 -3.79 -15.59 -5.01
N VAL A 81 -4.68 -16.12 -5.82
CA VAL A 81 -4.30 -16.93 -6.97
C VAL A 81 -4.89 -16.34 -8.22
N LYS A 82 -4.19 -16.53 -9.34
CA LYS A 82 -4.60 -16.04 -10.67
C LYS A 82 -4.66 -17.27 -11.54
N GLN A 83 -5.80 -17.53 -12.16
CA GLN A 83 -6.03 -18.69 -13.02
C GLN A 83 -6.86 -18.30 -14.21
N PHE A 84 -6.75 -19.09 -15.26
CA PHE A 84 -7.73 -18.99 -16.36
C PHE A 84 -9.01 -19.70 -15.95
N ARG A 85 -10.12 -19.00 -16.08
CA ARG A 85 -11.44 -19.52 -15.77
C ARG A 85 -12.25 -19.65 -17.05
N PRO A 86 -12.40 -20.90 -17.54
CA PRO A 86 -13.17 -21.06 -18.76
C PRO A 86 -14.55 -20.36 -18.78
N PRO A 87 -15.37 -20.41 -17.70
CA PRO A 87 -16.65 -19.70 -17.79
C PRO A 87 -16.55 -18.24 -18.07
N MET A 88 -15.50 -17.59 -17.56
CA MET A 88 -15.24 -16.19 -17.79
C MET A 88 -14.52 -15.85 -19.09
N GLY A 89 -13.95 -16.83 -19.78
CA GLY A 89 -13.08 -16.54 -20.93
C GLY A 89 -11.85 -15.68 -20.65
N GLY A 90 -11.16 -15.89 -19.53
CA GLY A 90 -10.16 -14.94 -19.06
C GLY A 90 -9.60 -15.33 -17.69
N TYR A 91 -8.59 -14.59 -17.30
CA TYR A 91 -7.88 -14.77 -16.04
C TYR A 91 -8.57 -14.05 -14.89
N CYS A 92 -8.59 -14.68 -13.71
CA CYS A 92 -9.32 -14.14 -12.58
C CYS A 92 -8.42 -14.22 -11.38
N ILE A 93 -8.57 -13.21 -10.51
CA ILE A 93 -7.82 -13.16 -9.25
C ILE A 93 -8.80 -13.44 -8.13
N GLU A 94 -8.49 -14.48 -7.36
CA GLU A 94 -9.35 -15.07 -6.36
C GLU A 94 -8.57 -15.53 -5.08
N PHE A 95 -9.31 -15.69 -4.00
CA PHE A 95 -8.85 -16.48 -2.88
C PHE A 95 -8.64 -17.92 -3.37
N PRO A 96 -7.59 -18.60 -2.87
CA PRO A 96 -7.44 -20.04 -3.13
C PRO A 96 -8.70 -20.77 -2.70
N ALA A 97 -9.06 -21.76 -3.49
CA ALA A 97 -10.39 -22.37 -3.39
C ALA A 97 -10.46 -23.68 -4.16
N GLY A 98 -11.31 -24.58 -3.63
CA GLY A 98 -11.72 -25.81 -4.33
C GLY A 98 -12.90 -26.48 -3.66
N LEU A 99 -13.41 -27.50 -4.34
CA LEU A 99 -14.56 -28.23 -3.86
C LEU A 99 -14.16 -29.10 -2.64
N ILE A 100 -15.06 -29.38 -1.74
CA ILE A 100 -14.72 -30.22 -0.58
C ILE A 100 -14.80 -31.68 -1.02
N ASP A 101 -13.75 -32.49 -0.87
CA ASP A 101 -13.85 -33.97 -1.23
C ASP A 101 -14.87 -34.64 -0.35
N ASP A 102 -15.50 -35.74 -0.82
CA ASP A 102 -16.47 -36.54 -0.01
C ASP A 102 -15.79 -36.98 1.31
N GLY A 103 -16.39 -36.69 2.46
CA GLY A 103 -15.85 -37.08 3.74
C GLY A 103 -14.84 -36.11 4.33
N GLU A 104 -14.44 -35.13 3.55
CA GLU A 104 -13.41 -34.20 3.96
C GLU A 104 -14.09 -33.07 4.75
N THR A 105 -13.40 -32.57 5.76
CA THR A 105 -13.86 -31.45 6.56
C THR A 105 -13.59 -30.11 5.77
N PRO A 106 -14.38 -29.07 6.06
CA PRO A 106 -14.05 -27.81 5.33
C PRO A 106 -12.64 -27.33 5.69
N GLU A 107 -12.26 -27.42 6.94
CA GLU A 107 -10.88 -27.05 7.37
C GLU A 107 -9.76 -27.86 6.66
N ALA A 108 -9.94 -29.14 6.49
CA ALA A 108 -8.92 -29.97 5.86
C ALA A 108 -8.85 -29.59 4.37
N ALA A 109 -10.02 -29.33 3.76
CA ALA A 109 -10.09 -28.98 2.35
C ALA A 109 -9.39 -27.65 2.11
N ALA A 110 -9.67 -26.66 2.98
CA ALA A 110 -8.99 -25.33 2.96
C ALA A 110 -7.50 -25.41 3.03
N LEU A 111 -7.00 -26.10 4.05
CA LEU A 111 -5.52 -26.30 4.15
C LEU A 111 -4.95 -27.07 2.97
N ARG A 112 -5.67 -28.07 2.48
CA ARG A 112 -5.17 -28.88 1.36
C ARG A 112 -5.13 -28.03 0.08
N GLU A 113 -6.25 -27.40 -0.24
CA GLU A 113 -6.30 -26.49 -1.41
C GLU A 113 -5.28 -25.34 -1.36
N LEU A 114 -5.13 -24.72 -0.18
CA LEU A 114 -4.08 -23.69 -0.04
C LEU A 114 -2.71 -24.23 -0.38
N GLU A 115 -2.38 -25.43 0.09
CA GLU A 115 -1.06 -25.95 -0.13
C GLU A 115 -0.96 -26.32 -1.58
N GLU A 116 -1.95 -27.02 -2.13
CA GLU A 116 -1.92 -27.37 -3.56
C GLU A 116 -1.79 -26.16 -4.52
N GLU A 117 -2.50 -25.09 -4.20
CA GLU A 117 -2.55 -23.91 -5.10
C GLU A 117 -1.41 -22.92 -4.90
N THR A 118 -0.87 -22.86 -3.69
CA THR A 118 0.18 -21.88 -3.39
C THR A 118 1.51 -22.43 -2.89
N GLY A 119 1.56 -23.67 -2.44
CA GLY A 119 2.73 -24.16 -1.74
C GLY A 119 2.71 -23.90 -0.22
N TYR A 120 1.94 -22.92 0.26
CA TYR A 120 1.91 -22.65 1.67
C TYR A 120 1.19 -23.68 2.57
N LYS A 121 1.78 -23.90 3.75
CA LYS A 121 1.16 -24.66 4.80
C LYS A 121 0.68 -23.74 5.86
N GLY A 122 -0.63 -23.63 5.99
CA GLY A 122 -1.23 -22.71 6.91
C GLY A 122 -1.64 -23.34 8.21
N ASP A 123 -2.18 -22.51 9.09
CA ASP A 123 -2.80 -22.89 10.37
C ASP A 123 -4.24 -22.30 10.40
N ILE A 124 -5.22 -23.13 10.70
CA ILE A 124 -6.59 -22.69 10.76
C ILE A 124 -6.72 -21.55 11.75
N ALA A 125 -7.47 -20.52 11.37
CA ALA A 125 -7.85 -19.48 12.33
C ALA A 125 -9.29 -19.50 12.62
N GLU A 126 -10.14 -19.56 11.58
CA GLU A 126 -11.57 -19.60 11.76
C GLU A 126 -12.21 -20.16 10.51
N CYS A 127 -13.45 -20.54 10.66
CA CYS A 127 -14.22 -21.23 9.59
C CYS A 127 -15.63 -20.74 9.65
N SER A 128 -16.14 -20.24 8.53
CA SER A 128 -17.49 -19.69 8.47
C SER A 128 -18.50 -20.79 8.42
N PRO A 129 -19.76 -20.47 8.71
CA PRO A 129 -20.81 -21.35 8.20
C PRO A 129 -20.86 -21.29 6.67
N ALA A 130 -21.61 -22.21 6.10
CA ALA A 130 -21.87 -22.28 4.70
C ALA A 130 -22.50 -20.98 4.23
N VAL A 131 -21.93 -20.34 3.22
CA VAL A 131 -22.42 -19.05 2.74
C VAL A 131 -22.63 -19.17 1.22
N CYS A 132 -23.57 -18.44 0.66
CA CYS A 132 -24.02 -18.65 -0.71
C CYS A 132 -23.21 -17.80 -1.69
N MET A 133 -22.93 -18.41 -2.81
CA MET A 133 -22.15 -17.81 -3.85
C MET A 133 -22.92 -16.86 -4.76
N ASP A 134 -24.13 -17.22 -5.17
CA ASP A 134 -24.90 -16.36 -6.09
C ASP A 134 -26.35 -16.82 -6.01
N PRO A 135 -27.00 -16.47 -4.91
CA PRO A 135 -28.19 -17.21 -4.55
C PRO A 135 -29.44 -16.91 -5.37
N GLY A 136 -29.48 -15.82 -6.13
CA GLY A 136 -30.47 -15.65 -7.22
C GLY A 136 -30.32 -16.62 -8.40
N LEU A 137 -29.17 -17.27 -8.52
CA LEU A 137 -28.83 -18.12 -9.65
C LEU A 137 -28.64 -19.59 -9.26
N SER A 138 -27.94 -19.84 -8.14
CA SER A 138 -27.50 -21.21 -7.82
C SER A 138 -27.66 -21.50 -6.37
N ASN A 139 -27.66 -22.79 -6.06
CA ASN A 139 -27.55 -23.25 -4.67
C ASN A 139 -26.11 -23.32 -4.12
N CYS A 140 -25.10 -22.96 -4.90
CA CYS A 140 -23.72 -23.20 -4.50
C CYS A 140 -23.34 -22.48 -3.23
N THR A 141 -22.61 -23.21 -2.39
CA THR A 141 -22.20 -22.67 -1.11
C THR A 141 -20.75 -23.04 -0.88
N ILE A 142 -20.12 -22.23 0.00
CA ILE A 142 -18.75 -22.48 0.46
C ILE A 142 -18.62 -22.22 1.91
N HIS A 143 -17.55 -22.76 2.50
CA HIS A 143 -17.04 -22.23 3.80
C HIS A 143 -15.90 -21.33 3.46
N ILE A 144 -15.91 -20.15 4.05
CA ILE A 144 -14.79 -19.23 3.95
C ILE A 144 -13.92 -19.50 5.17
N VAL A 145 -12.73 -19.97 4.91
CA VAL A 145 -11.86 -20.44 5.99
C VAL A 145 -10.67 -19.55 6.06
N THR A 146 -10.50 -18.88 7.20
CA THR A 146 -9.36 -17.98 7.45
C THR A 146 -8.24 -18.80 8.04
N VAL A 147 -7.05 -18.65 7.46
CA VAL A 147 -5.88 -19.42 7.76
C VAL A 147 -4.71 -18.45 7.85
N THR A 148 -3.88 -18.56 8.88
CA THR A 148 -2.61 -17.80 8.97
C THR A 148 -1.47 -18.67 8.45
N ILE A 149 -0.49 -18.07 7.80
CA ILE A 149 0.65 -18.75 7.23
C ILE A 149 1.85 -18.15 7.97
N ASN A 150 2.57 -19.00 8.69
CA ASN A 150 3.80 -18.52 9.35
C ASN A 150 4.86 -18.52 8.28
N GLY A 151 5.09 -17.32 7.75
CA GLY A 151 6.08 -17.11 6.73
C GLY A 151 7.53 -17.17 7.24
N ASP A 152 7.76 -17.19 8.55
CA ASP A 152 9.11 -17.44 9.10
C ASP A 152 9.48 -18.95 9.18
N ASP A 153 8.48 -19.83 9.25
CA ASP A 153 8.77 -21.27 9.28
C ASP A 153 9.43 -21.69 7.96
N ALA A 154 10.48 -22.49 8.04
CA ALA A 154 11.22 -22.94 6.85
C ALA A 154 10.33 -23.75 5.84
N GLU A 155 9.28 -24.42 6.35
CA GLU A 155 8.24 -25.03 5.49
C GLU A 155 7.70 -24.05 4.43
N ASN A 156 7.65 -22.78 4.75
CA ASN A 156 7.00 -21.75 3.94
C ASN A 156 7.97 -20.79 3.33
N ALA A 157 9.21 -21.27 3.11
CA ALA A 157 10.34 -20.44 2.67
C ALA A 157 10.28 -20.28 1.17
N ARG A 158 10.47 -21.36 0.42
CA ARG A 158 10.48 -21.28 -1.06
C ARG A 158 9.39 -22.23 -1.57
N PRO A 159 8.11 -21.97 -1.23
CA PRO A 159 6.97 -22.89 -1.42
C PRO A 159 6.59 -23.20 -2.90
N LYS A 160 6.46 -24.48 -3.26
CA LYS A 160 6.10 -24.90 -4.64
C LYS A 160 4.61 -25.33 -4.72
N PRO A 161 3.81 -24.64 -5.56
CA PRO A 161 2.48 -25.21 -5.91
C PRO A 161 2.53 -26.68 -6.41
N LYS A 162 1.62 -27.52 -5.89
CA LYS A 162 1.36 -28.88 -6.39
C LYS A 162 -0.01 -28.87 -7.06
N PRO A 163 -0.14 -28.17 -8.20
CA PRO A 163 -1.45 -28.11 -8.80
C PRO A 163 -1.85 -29.50 -9.37
N GLY A 164 -3.12 -29.88 -9.18
CA GLY A 164 -3.64 -31.14 -9.76
C GLY A 164 -3.72 -31.11 -11.28
N ASP A 165 -4.25 -32.18 -11.87
CA ASP A 165 -4.39 -32.28 -13.34
C ASP A 165 -5.25 -31.13 -13.95
N GLY A 166 -4.71 -30.41 -14.95
CA GLY A 166 -5.43 -29.27 -15.53
C GLY A 166 -5.51 -28.01 -14.62
N GLU A 167 -4.69 -27.97 -13.57
CA GLU A 167 -4.60 -26.84 -12.66
C GLU A 167 -3.32 -26.08 -13.00
N PHE A 168 -3.48 -24.76 -13.20
CA PHE A 168 -2.36 -23.88 -13.53
C PHE A 168 -2.56 -22.54 -12.84
N VAL A 169 -1.86 -22.37 -11.72
CA VAL A 169 -2.11 -21.31 -10.80
C VAL A 169 -0.86 -20.47 -10.57
N GLU A 170 -1.01 -19.15 -10.66
CA GLU A 170 0.02 -18.18 -10.29
C GLU A 170 -0.35 -17.55 -8.93
N VAL A 171 0.64 -17.37 -8.04
CA VAL A 171 0.42 -16.88 -6.70
C VAL A 171 0.72 -15.38 -6.66
N ILE A 172 -0.17 -14.60 -6.08
CA ILE A 172 0.01 -13.18 -5.95
C ILE A 172 -0.27 -12.80 -4.51
N SER A 173 0.75 -12.31 -3.80
CA SER A 173 0.63 -11.87 -2.41
C SER A 173 0.66 -10.38 -2.31
N LEU A 174 -0.35 -9.77 -1.72
CA LEU A 174 -0.50 -8.33 -1.70
C LEU A 174 -0.63 -7.90 -0.27
N PRO A 175 -0.05 -6.72 0.10
CA PRO A 175 -0.20 -6.26 1.45
C PRO A 175 -1.59 -5.99 1.88
N LYS A 176 -1.96 -6.50 3.04
CA LYS A 176 -3.32 -6.29 3.52
C LYS A 176 -3.65 -4.79 3.63
N ASN A 177 -2.64 -4.00 4.01
CA ASN A 177 -2.83 -2.60 4.35
C ASN A 177 -3.00 -1.76 3.09
N ASP A 178 -2.80 -2.36 1.93
CA ASP A 178 -2.98 -1.62 0.67
C ASP A 178 -3.76 -2.46 -0.39
N LEU A 179 -4.58 -3.40 0.06
CA LEU A 179 -5.02 -4.45 -0.87
C LEU A 179 -5.82 -3.89 -2.07
N LEU A 180 -6.75 -3.02 -1.76
CA LEU A 180 -7.64 -2.51 -2.77
C LEU A 180 -6.90 -1.71 -3.82
N GLN A 181 -5.93 -0.88 -3.43
CA GLN A 181 -5.18 -0.17 -4.42
C GLN A 181 -4.31 -1.11 -5.20
N ARG A 182 -3.80 -2.14 -4.57
CA ARG A 182 -2.96 -3.08 -5.33
C ARG A 182 -3.76 -3.91 -6.35
N LEU A 183 -5.00 -4.26 -5.99
CA LEU A 183 -5.93 -4.91 -6.93
C LEU A 183 -6.31 -3.93 -8.09
N ASP A 184 -6.62 -2.71 -7.75
CA ASP A 184 -6.87 -1.67 -8.80
C ASP A 184 -5.68 -1.58 -9.73
N ALA A 185 -4.47 -1.50 -9.22
CA ALA A 185 -3.32 -1.39 -10.14
C ALA A 185 -3.21 -2.57 -11.09
N LEU A 186 -3.37 -3.79 -10.54
CA LEU A 186 -3.39 -5.00 -11.35
C LEU A 186 -4.44 -5.03 -12.45
N VAL A 187 -5.64 -4.64 -12.12
CA VAL A 187 -6.73 -4.51 -13.10
C VAL A 187 -6.36 -3.47 -14.14
N ALA A 188 -5.74 -2.37 -13.69
CA ALA A 188 -5.34 -1.28 -14.62
C ALA A 188 -4.26 -1.70 -15.61
N GLU A 189 -3.25 -2.44 -15.16
CA GLU A 189 -2.09 -2.81 -15.99
C GLU A 189 -2.27 -4.14 -16.77
N GLU A 190 -3.42 -4.82 -16.65
CA GLU A 190 -3.46 -6.23 -17.12
C GLU A 190 -4.70 -6.87 -17.68
N HIS A 191 -5.91 -6.31 -17.58
CA HIS A 191 -7.11 -7.05 -18.14
C HIS A 191 -7.32 -8.50 -17.53
N LEU A 192 -7.83 -8.48 -16.32
CA LEU A 192 -8.16 -9.66 -15.60
C LEU A 192 -9.36 -9.27 -14.78
N THR A 193 -10.06 -10.23 -14.22
CA THR A 193 -11.18 -9.90 -13.38
C THR A 193 -10.82 -10.22 -11.86
N VAL A 194 -11.17 -9.33 -10.95
CA VAL A 194 -11.06 -9.66 -9.55
C VAL A 194 -12.36 -10.30 -9.10
N ASP A 195 -12.25 -11.29 -8.26
CA ASP A 195 -13.42 -11.94 -7.65
C ASP A 195 -14.17 -11.04 -6.74
N ALA A 196 -15.49 -11.16 -6.76
CA ALA A 196 -16.31 -10.33 -5.88
C ALA A 196 -16.09 -10.45 -4.36
N ARG A 197 -15.68 -11.62 -3.92
CA ARG A 197 -15.34 -11.82 -2.48
C ARG A 197 -14.01 -11.16 -2.16
N VAL A 198 -13.02 -11.32 -3.03
CA VAL A 198 -11.78 -10.62 -2.87
C VAL A 198 -12.03 -9.08 -2.83
N TYR A 199 -12.89 -8.54 -3.71
CA TYR A 199 -13.10 -7.08 -3.78
C TYR A 199 -13.82 -6.62 -2.54
N SER A 200 -14.75 -7.39 -2.09
CA SER A 200 -15.50 -7.04 -0.88
C SER A 200 -14.63 -6.92 0.37
N TYR A 201 -13.78 -7.92 0.52
CA TYR A 201 -12.79 -7.98 1.57
C TYR A 201 -11.83 -6.80 1.47
N ALA A 202 -11.24 -6.55 0.30
CA ALA A 202 -10.46 -5.31 0.11
C ALA A 202 -11.21 -4.00 0.38
N LEU A 203 -12.46 -3.88 -0.02
CA LEU A 203 -13.27 -2.69 0.35
C LEU A 203 -13.39 -2.51 1.87
N ALA A 204 -13.79 -3.59 2.56
CA ALA A 204 -13.96 -3.52 4.03
C ALA A 204 -12.64 -3.17 4.73
N LEU A 205 -11.49 -3.60 4.22
CA LEU A 205 -10.21 -3.24 4.80
C LEU A 205 -10.03 -1.70 4.70
N LYS A 206 -10.31 -1.13 3.54
CA LYS A 206 -10.38 0.33 3.41
C LYS A 206 -11.43 0.94 4.30
N HIS A 207 -12.66 0.42 4.33
CA HIS A 207 -13.72 1.08 5.09
C HIS A 207 -13.52 1.02 6.61
N ALA A 208 -12.71 0.08 7.11
CA ALA A 208 -12.52 0.01 8.55
C ALA A 208 -11.65 1.22 8.98
N LYS B 15 -1.80 -17.27 -22.65
CA LYS B 15 -1.38 -18.68 -22.87
C LYS B 15 -2.58 -19.63 -22.95
N GLN B 16 -3.67 -19.37 -22.21
CA GLN B 16 -4.92 -20.16 -22.32
C GLN B 16 -6.02 -19.33 -22.96
N TYR B 17 -6.92 -19.99 -23.66
CA TYR B 17 -7.98 -19.30 -24.33
C TYR B 17 -9.14 -20.19 -24.72
N ILE B 18 -10.25 -19.53 -25.04
CA ILE B 18 -11.44 -20.20 -25.48
C ILE B 18 -11.33 -20.55 -27.00
N ILE B 19 -11.70 -21.78 -27.33
CA ILE B 19 -11.67 -22.28 -28.68
C ILE B 19 -13.09 -22.24 -29.18
N SER B 20 -14.02 -22.85 -28.44
CA SER B 20 -15.43 -22.74 -28.78
C SER B 20 -16.38 -23.02 -27.63
N GLU B 21 -17.64 -22.68 -27.86
CA GLU B 21 -18.69 -22.89 -26.88
C GLU B 21 -19.86 -23.58 -27.55
N GLU B 22 -20.31 -24.68 -26.97
CA GLU B 22 -21.50 -25.35 -27.40
C GLU B 22 -22.66 -25.10 -26.43
N LEU B 23 -23.72 -24.48 -26.91
CA LEU B 23 -24.98 -24.47 -26.16
C LEU B 23 -25.44 -25.85 -25.72
N ILE B 24 -25.74 -26.04 -24.43
CA ILE B 24 -26.28 -27.34 -23.97
C ILE B 24 -27.77 -27.18 -23.71
N SER B 25 -28.17 -26.07 -23.11
CA SER B 25 -29.55 -25.84 -22.71
C SER B 25 -29.72 -24.36 -22.39
N GLU B 26 -30.80 -23.77 -22.89
CA GLU B 26 -31.13 -22.36 -22.69
C GLU B 26 -32.51 -22.30 -22.14
N GLY B 27 -32.67 -21.66 -20.97
CA GLY B 27 -33.96 -21.26 -20.44
C GLY B 27 -34.24 -19.81 -20.74
N LYS B 28 -35.21 -19.24 -20.02
CA LYS B 28 -35.55 -17.87 -20.15
C LYS B 28 -34.44 -17.00 -19.57
N TRP B 29 -33.88 -17.41 -18.43
CA TRP B 29 -32.97 -16.58 -17.64
C TRP B 29 -31.51 -17.07 -17.64
N VAL B 30 -31.26 -18.33 -17.97
CA VAL B 30 -29.98 -18.94 -17.66
C VAL B 30 -29.70 -19.95 -18.74
N LYS B 31 -28.46 -20.10 -19.16
CA LYS B 31 -28.07 -21.22 -20.01
C LYS B 31 -26.83 -21.97 -19.53
N LEU B 32 -26.70 -23.23 -19.98
CA LEU B 32 -25.60 -24.10 -19.69
C LEU B 32 -24.87 -24.38 -20.95
N GLU B 33 -23.55 -24.13 -20.95
CA GLU B 33 -22.70 -24.27 -22.14
C GLU B 33 -21.58 -25.24 -21.85
N LYS B 34 -21.09 -25.91 -22.88
CA LYS B 34 -19.86 -26.66 -22.78
C LYS B 34 -18.76 -25.86 -23.45
N THR B 35 -17.77 -25.44 -22.67
CA THR B 35 -16.72 -24.58 -23.15
C THR B 35 -15.50 -25.41 -23.48
N THR B 36 -15.00 -25.26 -24.71
CA THR B 36 -13.73 -25.89 -25.08
C THR B 36 -12.59 -24.85 -24.99
N TYR B 37 -11.50 -25.24 -24.35
CA TYR B 37 -10.40 -24.32 -24.15
C TYR B 37 -9.07 -25.01 -24.24
N MET B 38 -8.07 -24.21 -24.54
CA MET B 38 -6.69 -24.68 -24.66
C MET B 38 -6.01 -24.47 -23.32
N ASP B 39 -5.59 -25.55 -22.67
CA ASP B 39 -4.83 -25.45 -21.44
C ASP B 39 -3.38 -25.02 -21.78
N PRO B 40 -2.57 -24.70 -20.79
CA PRO B 40 -1.27 -24.11 -21.14
C PRO B 40 -0.23 -25.10 -21.70
N THR B 41 -0.45 -26.40 -21.50
CA THR B 41 0.36 -27.43 -22.16
C THR B 41 0.14 -27.59 -23.68
N GLY B 42 -0.83 -26.89 -24.29
CA GLY B 42 -1.27 -27.17 -25.67
C GLY B 42 -2.34 -28.28 -25.77
N LYS B 43 -2.84 -28.78 -24.64
CA LYS B 43 -3.99 -29.71 -24.58
C LYS B 43 -5.37 -29.00 -24.51
N THR B 44 -6.27 -29.53 -25.31
CA THR B 44 -7.63 -29.06 -25.45
C THR B 44 -8.42 -29.68 -24.33
N ARG B 45 -9.31 -28.90 -23.69
CA ARG B 45 -10.06 -29.36 -22.48
C ARG B 45 -11.43 -28.76 -22.51
N THR B 46 -12.36 -29.35 -21.76
CA THR B 46 -13.72 -28.89 -21.71
C THR B 46 -14.16 -28.47 -20.31
N TRP B 47 -15.11 -27.54 -20.25
CA TRP B 47 -15.64 -27.02 -18.99
C TRP B 47 -17.14 -26.83 -19.10
N GLU B 48 -17.88 -27.14 -18.05
CA GLU B 48 -19.32 -26.80 -18.08
C GLU B 48 -19.50 -25.41 -17.39
N SER B 49 -20.04 -24.47 -18.16
CA SER B 49 -20.19 -23.06 -17.81
C SER B 49 -21.62 -22.64 -17.83
N VAL B 50 -21.96 -21.76 -16.91
CA VAL B 50 -23.29 -21.18 -16.84
C VAL B 50 -23.23 -19.72 -17.23
N LYS B 51 -24.17 -19.25 -18.00
CA LYS B 51 -24.31 -17.81 -18.25
C LYS B 51 -25.76 -17.37 -18.10
N ARG B 52 -25.94 -16.11 -17.76
CA ARG B 52 -27.26 -15.50 -17.89
C ARG B 52 -27.56 -15.18 -19.38
N THR B 53 -28.83 -15.18 -19.73
CA THR B 53 -29.30 -14.78 -21.08
C THR B 53 -29.71 -13.30 -21.12
N THR B 54 -29.55 -12.59 -20.01
CA THR B 54 -30.03 -11.24 -19.86
C THR B 54 -28.97 -10.16 -20.10
N ARG B 55 -27.71 -10.50 -20.32
CA ARG B 55 -26.67 -9.46 -20.38
C ARG B 55 -26.65 -8.75 -21.75
N LYS B 56 -26.39 -7.43 -21.77
CA LYS B 56 -26.40 -6.54 -22.98
C LYS B 56 -25.03 -6.14 -23.51
N GLN B 58 -24.05 -3.90 -21.42
CA GLN B 58 -23.79 -3.93 -19.99
C GLN B 58 -22.30 -4.11 -19.67
N THR B 59 -21.87 -3.34 -18.68
CA THR B 59 -20.58 -3.52 -17.97
C THR B 59 -20.50 -4.83 -17.17
N ALA B 60 -21.65 -5.45 -16.89
CA ALA B 60 -21.77 -6.52 -15.88
C ALA B 60 -23.20 -6.94 -15.87
N ASP B 61 -23.50 -8.13 -15.36
CA ASP B 61 -24.93 -8.48 -15.21
C ASP B 61 -25.71 -7.63 -14.20
N GLY B 62 -25.06 -7.28 -13.09
CA GLY B 62 -25.77 -6.89 -11.90
C GLY B 62 -24.97 -5.84 -11.14
N VAL B 63 -25.63 -5.24 -10.15
CA VAL B 63 -24.94 -4.43 -9.13
C VAL B 63 -25.26 -5.07 -7.78
N ALA B 64 -24.34 -4.93 -6.83
CA ALA B 64 -24.63 -5.12 -5.38
C ALA B 64 -24.24 -3.84 -4.66
N VAL B 65 -25.04 -3.42 -3.71
CA VAL B 65 -24.85 -2.19 -3.04
C VAL B 65 -24.39 -2.46 -1.60
N ILE B 66 -23.28 -1.85 -1.20
CA ILE B 66 -22.87 -1.78 0.16
C ILE B 66 -23.45 -0.46 0.73
N PRO B 67 -24.57 -0.55 1.48
CA PRO B 67 -25.23 0.66 1.93
C PRO B 67 -24.88 0.95 3.39
N VAL B 68 -24.11 2.01 3.58
CA VAL B 68 -23.67 2.48 4.86
C VAL B 68 -24.66 3.52 5.43
N LEU B 69 -25.50 3.07 6.37
CA LEU B 69 -26.50 3.96 6.99
C LEU B 69 -25.86 4.76 8.11
N GLN B 70 -25.69 6.05 7.87
CA GLN B 70 -25.03 6.95 8.79
C GLN B 70 -26.05 7.81 9.48
N ARG B 71 -26.27 7.61 10.78
CA ARG B 71 -27.12 8.46 11.60
C ARG B 71 -26.32 8.99 12.79
N THR B 72 -26.44 10.29 13.05
CA THR B 72 -25.70 10.85 14.19
C THR B 72 -26.11 10.28 15.55
N LEU B 73 -25.12 10.16 16.46
CA LEU B 73 -25.30 9.52 17.77
C LEU B 73 -25.75 8.04 17.74
N HIS B 74 -25.54 7.39 16.60
CA HIS B 74 -25.84 5.97 16.42
C HIS B 74 -24.65 5.28 15.83
N TYR B 75 -24.55 3.96 16.04
CA TYR B 75 -23.57 3.20 15.28
C TYR B 75 -23.91 3.27 13.81
N GLU B 76 -22.87 3.37 13.00
CA GLU B 76 -23.00 3.24 11.57
C GLU B 76 -23.44 1.81 11.29
N CYS B 77 -24.43 1.67 10.43
CA CYS B 77 -24.99 0.36 10.07
C CYS B 77 -24.77 0.03 8.58
N ILE B 78 -24.72 -1.26 8.30
CA ILE B 78 -24.71 -1.75 6.95
C ILE B 78 -26.10 -2.26 6.77
N VAL B 79 -26.70 -1.88 5.69
CA VAL B 79 -28.07 -2.23 5.39
C VAL B 79 -28.09 -3.47 4.46
N LEU B 80 -28.80 -4.51 4.86
CA LEU B 80 -28.82 -5.81 4.14
C LEU B 80 -30.25 -6.20 3.98
N VAL B 81 -30.52 -7.16 3.12
CA VAL B 81 -31.88 -7.58 2.86
C VAL B 81 -32.00 -9.06 3.01
N LYS B 82 -33.15 -9.51 3.46
CA LYS B 82 -33.46 -10.93 3.61
C LYS B 82 -34.58 -11.26 2.64
N GLN B 83 -34.42 -12.32 1.82
CA GLN B 83 -35.40 -12.77 0.84
C GLN B 83 -35.33 -14.29 0.72
N PHE B 84 -36.42 -14.89 0.22
CA PHE B 84 -36.45 -16.32 -0.11
C PHE B 84 -35.71 -16.45 -1.43
N ARG B 85 -34.75 -17.35 -1.49
CA ARG B 85 -34.05 -17.56 -2.78
C ARG B 85 -34.40 -18.92 -3.26
N PRO B 86 -35.17 -19.01 -4.34
CA PRO B 86 -35.58 -20.35 -4.81
C PRO B 86 -34.45 -21.35 -5.07
N PRO B 87 -33.35 -20.93 -5.68
CA PRO B 87 -32.28 -21.90 -5.85
C PRO B 87 -31.68 -22.42 -4.55
N MET B 88 -31.65 -21.60 -3.51
CA MET B 88 -31.13 -22.03 -2.24
C MET B 88 -32.17 -22.82 -1.48
N GLY B 89 -33.46 -22.65 -1.81
CA GLY B 89 -34.50 -23.33 -1.06
C GLY B 89 -34.69 -22.76 0.32
N GLY B 90 -34.27 -21.51 0.53
CA GLY B 90 -34.33 -20.96 1.85
C GLY B 90 -34.10 -19.47 1.80
N TYR B 91 -34.12 -18.89 2.98
CA TYR B 91 -33.92 -17.46 3.08
C TYR B 91 -32.44 -17.10 3.18
N CYS B 92 -32.03 -16.02 2.49
CA CYS B 92 -30.66 -15.52 2.47
C CYS B 92 -30.55 -14.05 2.88
N ILE B 93 -29.44 -13.70 3.49
CA ILE B 93 -29.13 -12.33 3.87
C ILE B 93 -28.07 -11.81 2.92
N GLU B 94 -28.34 -10.67 2.31
CA GLU B 94 -27.55 -10.18 1.18
C GLU B 94 -27.46 -8.65 1.15
N PHE B 95 -26.47 -8.15 0.42
CA PHE B 95 -26.44 -6.73 0.05
C PHE B 95 -27.59 -6.49 -0.90
N PRO B 96 -28.23 -5.34 -0.84
CA PRO B 96 -29.21 -5.07 -1.91
C PRO B 96 -28.58 -5.16 -3.29
N ALA B 97 -29.34 -5.66 -4.26
CA ALA B 97 -28.78 -6.03 -5.52
C ALA B 97 -29.85 -6.31 -6.56
N GLY B 98 -29.47 -6.12 -7.80
CA GLY B 98 -30.27 -6.59 -8.90
C GLY B 98 -29.55 -6.37 -10.21
N LEU B 99 -30.21 -6.83 -11.28
CA LEU B 99 -29.70 -6.71 -12.63
C LEU B 99 -29.77 -5.26 -13.09
N ILE B 100 -28.77 -4.88 -13.86
CA ILE B 100 -28.68 -3.55 -14.41
C ILE B 100 -29.60 -3.51 -15.66
N ASP B 101 -30.57 -2.60 -15.70
CA ASP B 101 -31.48 -2.46 -16.89
C ASP B 101 -30.66 -2.12 -18.14
N ASP B 102 -30.93 -2.76 -19.29
CA ASP B 102 -30.25 -2.41 -20.59
C ASP B 102 -30.20 -0.86 -20.78
N GLY B 103 -29.01 -0.32 -21.02
CA GLY B 103 -28.83 1.14 -21.03
C GLY B 103 -28.83 1.90 -19.70
N GLU B 104 -28.83 1.20 -18.56
CA GLU B 104 -28.70 1.86 -17.26
C GLU B 104 -27.21 1.88 -16.88
N THR B 105 -26.76 2.95 -16.27
CA THR B 105 -25.43 2.97 -15.66
C THR B 105 -25.39 2.09 -14.35
N PRO B 106 -24.21 1.57 -13.97
CA PRO B 106 -24.14 0.82 -12.69
C PRO B 106 -24.47 1.64 -11.46
N GLU B 107 -24.01 2.88 -11.45
CA GLU B 107 -24.34 3.82 -10.37
C GLU B 107 -25.85 4.01 -10.20
N ALA B 108 -26.58 4.06 -11.31
CA ALA B 108 -27.99 4.42 -11.28
C ALA B 108 -28.79 3.18 -10.91
N ALA B 109 -28.34 2.02 -11.43
CA ALA B 109 -28.88 0.71 -11.01
C ALA B 109 -28.81 0.52 -9.50
N ALA B 110 -27.72 1.00 -8.93
CA ALA B 110 -27.46 0.89 -7.48
C ALA B 110 -28.40 1.71 -6.66
N LEU B 111 -28.54 3.00 -7.03
CA LEU B 111 -29.50 3.83 -6.33
C LEU B 111 -30.91 3.33 -6.51
N ARG B 112 -31.25 2.87 -7.71
CA ARG B 112 -32.59 2.39 -7.98
C ARG B 112 -32.84 1.14 -7.13
N GLU B 113 -31.93 0.15 -7.24
CA GLU B 113 -32.11 -1.11 -6.47
C GLU B 113 -32.17 -0.87 -5.00
N LEU B 114 -31.30 -0.01 -4.51
CA LEU B 114 -31.29 0.30 -3.10
C LEU B 114 -32.63 0.89 -2.70
N GLU B 115 -33.16 1.78 -3.52
CA GLU B 115 -34.45 2.38 -3.20
C GLU B 115 -35.58 1.38 -3.26
N GLU B 116 -35.67 0.62 -4.34
CA GLU B 116 -36.71 -0.42 -4.44
C GLU B 116 -36.69 -1.47 -3.31
N GLU B 117 -35.49 -1.94 -2.97
CA GLU B 117 -35.38 -3.03 -1.97
C GLU B 117 -35.46 -2.53 -0.54
N THR B 118 -34.96 -1.32 -0.27
CA THR B 118 -34.88 -0.81 1.12
C THR B 118 -35.72 0.45 1.41
N GLY B 119 -36.09 1.19 0.36
CA GLY B 119 -36.64 2.51 0.53
C GLY B 119 -35.61 3.61 0.76
N TYR B 120 -34.33 3.29 1.01
CA TYR B 120 -33.36 4.36 1.27
C TYR B 120 -32.89 5.02 0.01
N LYS B 121 -32.64 6.34 0.12
CA LYS B 121 -32.11 7.17 -0.93
C LYS B 121 -30.71 7.53 -0.52
N GLY B 122 -29.75 7.24 -1.37
CA GLY B 122 -28.37 7.33 -0.97
C GLY B 122 -27.55 8.03 -1.98
N ASP B 123 -26.27 8.15 -1.64
CA ASP B 123 -25.28 8.83 -2.44
C ASP B 123 -24.16 7.86 -2.78
N ILE B 124 -23.71 7.87 -4.03
CA ILE B 124 -22.59 7.03 -4.49
C ILE B 124 -21.30 7.47 -3.84
N ALA B 125 -20.54 6.52 -3.25
CA ALA B 125 -19.20 6.83 -2.75
C ALA B 125 -18.08 6.32 -3.67
N GLU B 126 -18.22 5.09 -4.13
CA GLU B 126 -17.28 4.52 -5.07
C GLU B 126 -18.02 3.35 -5.79
N CYS B 127 -17.45 2.92 -6.90
CA CYS B 127 -18.00 1.88 -7.75
C CYS B 127 -16.84 1.01 -8.16
N SER B 128 -16.97 -0.31 -7.97
CA SER B 128 -15.92 -1.24 -8.41
C SER B 128 -15.92 -1.42 -9.95
N PRO B 129 -14.82 -1.91 -10.53
CA PRO B 129 -14.95 -2.57 -11.83
C PRO B 129 -15.80 -3.85 -11.74
N ALA B 130 -16.06 -4.42 -12.91
CA ALA B 130 -16.90 -5.63 -12.98
C ALA B 130 -16.10 -6.71 -12.19
N VAL B 131 -16.75 -7.40 -11.26
CA VAL B 131 -16.10 -8.47 -10.45
C VAL B 131 -16.88 -9.76 -10.60
N CYS B 132 -16.21 -10.91 -10.60
CA CYS B 132 -16.92 -12.13 -10.85
C CYS B 132 -17.57 -12.76 -9.60
N MET B 133 -18.68 -13.44 -9.81
CA MET B 133 -19.48 -13.98 -8.76
C MET B 133 -19.05 -15.39 -8.41
N ASP B 134 -18.79 -16.22 -9.42
CA ASP B 134 -18.38 -17.60 -9.15
C ASP B 134 -17.67 -18.10 -10.41
N PRO B 135 -16.39 -17.71 -10.61
CA PRO B 135 -15.82 -17.81 -11.98
C PRO B 135 -15.51 -19.28 -12.43
N GLY B 136 -15.47 -20.21 -11.48
CA GLY B 136 -15.39 -21.64 -11.74
C GLY B 136 -16.69 -22.23 -12.31
N LEU B 137 -17.80 -21.54 -12.15
CA LEU B 137 -19.08 -22.04 -12.61
C LEU B 137 -19.70 -21.18 -13.70
N SER B 138 -19.69 -19.86 -13.52
CA SER B 138 -20.44 -18.91 -14.36
C SER B 138 -19.59 -17.77 -14.82
N ASN B 139 -20.09 -17.07 -15.82
CA ASN B 139 -19.48 -15.80 -16.24
C ASN B 139 -20.12 -14.60 -15.54
N CYS B 140 -20.95 -14.81 -14.50
CA CYS B 140 -21.70 -13.70 -13.93
C CYS B 140 -20.80 -12.70 -13.22
N THR B 141 -21.10 -11.42 -13.47
CA THR B 141 -20.34 -10.35 -12.88
C THR B 141 -21.27 -9.25 -12.32
N ILE B 142 -20.69 -8.43 -11.42
CA ILE B 142 -21.40 -7.32 -10.77
C ILE B 142 -20.48 -6.15 -10.58
N HIS B 143 -21.06 -4.97 -10.39
CA HIS B 143 -20.31 -3.85 -9.87
C HIS B 143 -20.71 -3.78 -8.42
N ILE B 144 -19.74 -3.68 -7.52
CA ILE B 144 -20.07 -3.44 -6.13
C ILE B 144 -20.06 -1.93 -5.92
N VAL B 145 -21.18 -1.40 -5.42
CA VAL B 145 -21.33 0.03 -5.35
C VAL B 145 -21.53 0.41 -3.87
N THR B 146 -20.54 1.12 -3.32
CA THR B 146 -20.57 1.62 -1.99
C THR B 146 -21.36 2.94 -2.05
N VAL B 147 -22.37 2.99 -1.22
CA VAL B 147 -23.31 4.08 -1.15
C VAL B 147 -23.40 4.44 0.30
N THR B 148 -23.37 5.75 0.63
CA THR B 148 -23.73 6.22 1.98
C THR B 148 -25.21 6.68 2.00
N ILE B 149 -25.89 6.48 3.13
CA ILE B 149 -27.29 6.90 3.31
C ILE B 149 -27.34 7.88 4.51
N ASN B 150 -27.78 9.11 4.24
CA ASN B 150 -27.88 10.07 5.32
C ASN B 150 -29.16 9.79 6.02
N GLY B 151 -29.02 9.05 7.09
CA GLY B 151 -30.22 8.59 7.83
C GLY B 151 -30.93 9.70 8.58
N ASP B 152 -30.33 10.88 8.66
CA ASP B 152 -30.93 12.01 9.38
C ASP B 152 -31.73 12.95 8.45
N ASP B 153 -31.80 12.62 7.15
CA ASP B 153 -32.49 13.43 6.17
C ASP B 153 -33.91 12.95 6.18
N ALA B 154 -34.84 13.87 5.94
CA ALA B 154 -36.25 13.56 5.96
C ALA B 154 -36.66 12.42 5.00
N GLU B 155 -36.01 12.30 3.84
CA GLU B 155 -36.42 11.29 2.84
C GLU B 155 -36.11 9.85 3.27
N ASN B 156 -35.23 9.71 4.30
CA ASN B 156 -34.85 8.41 4.85
C ASN B 156 -35.40 8.25 6.23
N ALA B 157 -36.33 9.14 6.63
CA ALA B 157 -37.03 8.96 7.90
C ALA B 157 -37.87 7.67 7.95
N ARG B 158 -38.87 7.56 7.09
CA ARG B 158 -39.74 6.36 7.04
C ARG B 158 -39.57 5.77 5.64
N PRO B 159 -38.45 5.04 5.43
CA PRO B 159 -38.07 4.71 4.04
C PRO B 159 -39.14 3.81 3.35
N LYS B 160 -39.52 4.16 2.12
CA LYS B 160 -40.61 3.46 1.39
C LYS B 160 -40.08 2.35 0.40
N PRO B 161 -39.99 1.05 0.82
CA PRO B 161 -39.47 0.04 -0.18
C PRO B 161 -40.46 -0.20 -1.31
N LYS B 162 -40.03 0.04 -2.56
CA LYS B 162 -40.88 -0.15 -3.76
C LYS B 162 -40.48 -1.41 -4.59
N PRO B 163 -40.77 -2.62 -4.07
CA PRO B 163 -40.35 -3.83 -4.75
C PRO B 163 -41.20 -4.13 -5.98
N GLY B 164 -40.56 -4.60 -7.06
CA GLY B 164 -41.29 -5.07 -8.23
C GLY B 164 -42.10 -6.38 -8.04
N ASP B 165 -42.61 -6.86 -9.17
CA ASP B 165 -43.41 -8.09 -9.18
C ASP B 165 -42.57 -9.26 -8.65
N GLY B 166 -43.13 -10.03 -7.72
CA GLY B 166 -42.43 -11.20 -7.18
C GLY B 166 -41.21 -10.98 -6.28
N GLU B 167 -40.96 -9.74 -5.86
CA GLU B 167 -39.90 -9.43 -4.90
C GLU B 167 -40.58 -9.20 -3.54
N PHE B 168 -40.05 -9.90 -2.53
CA PHE B 168 -40.53 -9.80 -1.15
C PHE B 168 -39.29 -9.76 -0.26
N VAL B 169 -39.01 -8.56 0.24
CA VAL B 169 -37.70 -8.23 0.82
C VAL B 169 -37.88 -7.72 2.25
N GLU B 170 -37.16 -8.30 3.23
CA GLU B 170 -37.12 -7.78 4.60
C GLU B 170 -35.79 -7.04 4.73
N VAL B 171 -35.80 -5.90 5.40
CA VAL B 171 -34.63 -5.07 5.47
C VAL B 171 -34.04 -5.36 6.84
N ILE B 172 -32.72 -5.49 6.91
CA ILE B 172 -32.01 -5.74 8.17
C ILE B 172 -30.76 -4.85 8.21
N SER B 173 -30.72 -3.93 9.18
CA SER B 173 -29.58 -3.07 9.39
C SER B 173 -28.79 -3.53 10.57
N LEU B 174 -27.49 -3.70 10.37
CA LEU B 174 -26.64 -4.20 11.39
C LEU B 174 -25.46 -3.29 11.58
N PRO B 175 -25.00 -3.12 12.84
CA PRO B 175 -23.91 -2.21 13.11
C PRO B 175 -22.68 -2.67 12.41
N LYS B 176 -22.03 -1.77 11.68
CA LYS B 176 -20.81 -2.06 10.95
C LYS B 176 -19.69 -2.62 11.89
N ASN B 177 -19.51 -2.04 13.08
CA ASN B 177 -18.36 -2.41 13.94
C ASN B 177 -18.52 -3.78 14.66
N ASP B 178 -19.68 -4.43 14.59
CA ASP B 178 -19.85 -5.79 15.10
C ASP B 178 -20.49 -6.73 14.06
N LEU B 179 -20.33 -6.42 12.78
CA LEU B 179 -21.14 -7.06 11.73
C LEU B 179 -20.93 -8.57 11.71
N LEU B 180 -19.68 -9.03 11.77
CA LEU B 180 -19.44 -10.46 11.67
C LEU B 180 -20.12 -11.24 12.81
N GLN B 181 -19.91 -10.82 14.05
CA GLN B 181 -20.67 -11.40 15.23
C GLN B 181 -22.20 -11.30 15.01
N ARG B 182 -22.70 -10.17 14.55
CA ARG B 182 -24.15 -10.11 14.33
C ARG B 182 -24.69 -11.11 13.30
N LEU B 183 -23.96 -11.29 12.22
CA LEU B 183 -24.36 -12.23 11.18
C LEU B 183 -24.32 -13.67 11.69
N ASP B 184 -23.25 -14.01 12.38
CA ASP B 184 -23.07 -15.37 12.97
C ASP B 184 -24.24 -15.70 13.90
N ALA B 185 -24.69 -14.71 14.67
CA ALA B 185 -25.87 -14.86 15.51
C ALA B 185 -27.12 -15.13 14.71
N LEU B 186 -27.34 -14.38 13.62
CA LEU B 186 -28.49 -14.61 12.79
C LEU B 186 -28.49 -15.98 12.16
N VAL B 187 -27.34 -16.42 11.66
CA VAL B 187 -27.25 -17.79 11.16
C VAL B 187 -27.55 -18.84 12.25
N ALA B 188 -26.95 -18.67 13.43
CA ALA B 188 -27.09 -19.63 14.53
C ALA B 188 -28.53 -19.79 14.97
N GLU B 189 -29.28 -18.70 14.96
CA GLU B 189 -30.61 -18.71 15.52
C GLU B 189 -31.73 -18.77 14.49
N GLU B 190 -31.59 -18.07 13.35
CA GLU B 190 -32.68 -17.95 12.34
C GLU B 190 -32.61 -18.96 11.14
N HIS B 191 -31.58 -19.83 11.09
CA HIS B 191 -31.30 -20.70 9.91
C HIS B 191 -31.33 -20.00 8.49
N LEU B 192 -30.89 -18.75 8.43
CA LEU B 192 -30.66 -18.07 7.17
C LEU B 192 -29.26 -18.45 6.61
N THR B 193 -29.04 -18.24 5.31
CA THR B 193 -27.71 -18.33 4.71
C THR B 193 -27.22 -16.91 4.43
N VAL B 194 -25.99 -16.61 4.89
CA VAL B 194 -25.37 -15.34 4.60
C VAL B 194 -24.67 -15.46 3.26
N ASP B 195 -24.79 -14.42 2.45
CA ASP B 195 -24.09 -14.30 1.20
C ASP B 195 -22.60 -14.20 1.37
N ALA B 196 -21.84 -14.75 0.42
CA ALA B 196 -20.40 -14.86 0.60
C ALA B 196 -19.68 -13.50 0.54
N ARG B 197 -20.18 -12.59 -0.30
CA ARG B 197 -19.66 -11.25 -0.34
C ARG B 197 -19.95 -10.49 0.97
N VAL B 198 -21.17 -10.60 1.52
CA VAL B 198 -21.46 -10.01 2.83
C VAL B 198 -20.51 -10.55 3.92
N TYR B 199 -20.28 -11.86 3.89
CA TYR B 199 -19.46 -12.47 4.91
C TYR B 199 -18.01 -12.05 4.74
N SER B 200 -17.54 -11.90 3.50
CA SER B 200 -16.20 -11.51 3.22
C SER B 200 -15.94 -10.11 3.71
N TYR B 201 -16.92 -9.24 3.50
CA TYR B 201 -16.84 -7.83 3.94
C TYR B 201 -16.75 -7.82 5.47
N ALA B 202 -17.67 -8.53 6.12
CA ALA B 202 -17.68 -8.65 7.58
C ALA B 202 -16.37 -9.14 8.19
N LEU B 203 -15.76 -10.19 7.60
CA LEU B 203 -14.47 -10.68 7.98
C LEU B 203 -13.42 -9.63 7.93
N ALA B 204 -13.24 -8.96 6.78
CA ALA B 204 -12.23 -7.90 6.65
C ALA B 204 -12.43 -6.78 7.66
N LEU B 205 -13.65 -6.44 8.03
CA LEU B 205 -13.86 -5.41 9.09
C LEU B 205 -13.17 -5.87 10.38
N LYS B 206 -13.22 -7.16 10.66
CA LYS B 206 -12.58 -7.72 11.87
C LYS B 206 -11.11 -7.81 11.63
N HIS B 207 -10.71 -8.27 10.45
CA HIS B 207 -9.29 -8.47 10.17
C HIS B 207 -8.41 -7.17 10.04
N ALA B 208 -9.04 -6.03 9.78
CA ALA B 208 -8.32 -4.77 9.58
C ALA B 208 -7.42 -4.43 10.78
N ASN B 209 -6.30 -3.77 10.47
CA ASN B 209 -5.16 -3.41 11.38
C ASN B 209 -4.12 -4.54 11.47
N GLN C 16 16.16 -6.97 16.45
CA GLN C 16 16.51 -5.93 17.47
C GLN C 16 15.27 -5.13 17.78
N TYR C 17 15.16 -4.56 18.98
CA TYR C 17 13.99 -3.75 19.30
C TYR C 17 14.30 -2.78 20.41
N ILE C 18 13.42 -1.77 20.51
CA ILE C 18 13.53 -0.73 21.52
C ILE C 18 13.05 -1.35 22.83
N ILE C 19 13.88 -1.23 23.87
CA ILE C 19 13.54 -1.61 25.27
C ILE C 19 12.93 -0.42 26.07
N SER C 20 13.51 0.76 25.96
CA SER C 20 12.95 1.94 26.61
C SER C 20 13.65 3.19 26.15
N GLU C 21 12.93 4.30 26.32
CA GLU C 21 13.34 5.63 25.92
C GLU C 21 13.29 6.55 27.14
N GLU C 22 14.46 6.83 27.72
CA GLU C 22 14.61 7.66 28.91
C GLU C 22 14.95 9.12 28.54
N LEU C 23 14.11 10.05 29.00
CA LEU C 23 14.21 11.48 28.67
C LEU C 23 15.34 12.30 29.36
N ILE C 24 16.35 12.80 28.60
CA ILE C 24 17.47 13.63 29.14
C ILE C 24 17.24 15.15 29.24
N SER C 25 16.47 15.72 28.33
CA SER C 25 16.13 17.15 28.35
C SER C 25 15.10 17.48 27.27
N GLU C 26 14.23 18.45 27.54
CA GLU C 26 13.14 18.80 26.61
C GLU C 26 13.02 20.27 26.50
N GLY C 27 13.28 20.80 25.30
CA GLY C 27 13.08 22.21 25.02
C GLY C 27 11.70 22.37 24.46
N LYS C 28 11.40 23.58 23.99
CA LYS C 28 10.14 23.86 23.28
C LYS C 28 10.02 23.11 21.95
N TRP C 29 11.12 23.00 21.20
CA TRP C 29 11.13 22.48 19.81
C TRP C 29 11.76 21.10 19.63
N VAL C 30 12.73 20.75 20.47
CA VAL C 30 13.46 19.45 20.36
C VAL C 30 13.77 18.82 21.75
N LYS C 31 14.02 17.51 21.78
CA LYS C 31 14.40 16.80 23.01
C LYS C 31 15.42 15.70 22.78
N LEU C 32 16.23 15.45 23.80
CA LEU C 32 17.30 14.45 23.74
C LEU C 32 16.84 13.29 24.63
N GLU C 33 17.13 12.04 24.25
CA GLU C 33 16.72 10.87 25.03
C GLU C 33 17.81 9.85 25.08
N LYS C 34 17.78 9.03 26.15
CA LYS C 34 18.61 7.84 26.30
C LYS C 34 17.76 6.71 25.76
N THR C 35 18.35 5.83 24.92
CA THR C 35 17.61 4.81 24.17
C THR C 35 18.26 3.48 24.50
N THR C 36 17.50 2.51 25.02
CA THR C 36 18.07 1.21 25.39
C THR C 36 17.41 0.17 24.47
N TYR C 37 18.19 -0.79 23.99
CA TYR C 37 17.75 -1.64 22.87
C TYR C 37 18.49 -3.00 22.89
N MET C 38 17.86 -4.09 22.41
CA MET C 38 18.53 -5.40 22.34
C MET C 38 19.24 -5.54 21.01
N ASP C 39 20.54 -5.79 21.03
CA ASP C 39 21.25 -5.97 19.76
C ASP C 39 20.87 -7.30 19.17
N PRO C 40 21.40 -7.58 17.95
CA PRO C 40 21.12 -8.84 17.23
C PRO C 40 21.55 -10.11 18.03
N THR C 41 22.67 -10.02 18.75
CA THR C 41 23.23 -11.16 19.49
C THR C 41 22.57 -11.48 20.86
N GLY C 42 21.71 -10.57 21.37
CA GLY C 42 21.13 -10.68 22.72
C GLY C 42 21.60 -9.62 23.72
N LYS C 43 22.82 -9.09 23.53
CA LYS C 43 23.34 -7.97 24.34
C LYS C 43 22.41 -6.72 24.35
N THR C 44 22.08 -6.28 25.56
CA THR C 44 21.33 -5.04 25.82
C THR C 44 22.37 -3.90 25.60
N ARG C 45 21.99 -2.81 24.89
CA ARG C 45 22.92 -1.70 24.57
C ARG C 45 22.17 -0.39 24.64
N THR C 46 22.89 0.71 24.42
CA THR C 46 22.33 2.03 24.67
C THR C 46 22.72 3.07 23.57
N TRP C 47 21.95 4.14 23.47
CA TRP C 47 22.14 5.15 22.37
C TRP C 47 21.50 6.46 22.75
N GLU C 48 22.13 7.58 22.38
CA GLU C 48 21.53 8.89 22.58
C GLU C 48 20.82 9.38 21.30
N SER C 49 19.52 9.63 21.44
CA SER C 49 18.62 9.92 20.30
C SER C 49 17.95 11.25 20.47
N VAL C 50 17.71 11.90 19.34
CA VAL C 50 17.07 13.19 19.30
C VAL C 50 15.74 13.04 18.60
N LYS C 51 14.75 13.80 19.08
CA LYS C 51 13.39 13.77 18.56
C LYS C 51 12.81 15.20 18.70
N ARG C 52 12.02 15.65 17.72
CA ARG C 52 11.35 16.96 17.83
C ARG C 52 10.12 16.71 18.64
N THR C 53 9.58 17.78 19.18
CA THR C 53 8.44 17.72 20.09
C THR C 53 7.14 18.00 19.39
N THR C 54 7.23 18.46 18.15
CA THR C 54 6.12 18.98 17.39
C THR C 54 5.32 17.92 16.54
N ARG C 55 5.68 16.62 16.54
CA ARG C 55 5.05 15.62 15.62
C ARG C 55 3.73 15.04 16.17
N LYS C 56 2.64 15.13 15.41
CA LYS C 56 1.32 14.54 15.76
C LYS C 56 1.09 13.17 15.11
N GLN C 58 0.63 12.43 12.16
CA GLN C 58 1.34 13.14 11.09
C GLN C 58 2.32 12.13 10.50
N THR C 59 2.32 12.03 9.16
CA THR C 59 3.08 10.98 8.39
C THR C 59 4.58 11.10 8.64
N ALA C 60 5.00 12.33 8.90
CA ALA C 60 6.38 12.70 9.08
C ALA C 60 6.42 14.05 9.78
N ASP C 61 7.61 14.45 10.19
CA ASP C 61 7.79 15.79 10.73
C ASP C 61 7.51 16.86 9.68
N GLY C 62 8.06 16.67 8.49
CA GLY C 62 7.98 17.77 7.52
C GLY C 62 7.96 17.30 6.10
N VAL C 63 8.05 18.28 5.22
CA VAL C 63 8.19 18.01 3.80
C VAL C 63 9.38 18.78 3.24
N ALA C 64 10.01 18.22 2.21
CA ALA C 64 10.97 18.94 1.38
C ALA C 64 10.47 18.85 -0.04
N VAL C 65 10.54 19.96 -0.74
CA VAL C 65 9.95 20.06 -2.02
C VAL C 65 11.05 20.08 -3.08
N ILE C 66 10.95 19.16 -4.06
CA ILE C 66 11.82 19.24 -5.24
C ILE C 66 11.05 20.00 -6.34
N PRO C 67 11.38 21.31 -6.51
CA PRO C 67 10.52 22.16 -7.35
C PRO C 67 11.16 22.30 -8.72
N VAL C 68 10.53 21.66 -9.69
CA VAL C 68 11.03 21.66 -11.03
C VAL C 68 10.30 22.74 -11.85
N LEU C 69 11.10 23.74 -12.19
CA LEU C 69 10.66 24.91 -12.94
C LEU C 69 10.75 24.59 -14.42
N GLN C 70 9.60 24.46 -15.04
CA GLN C 70 9.44 24.03 -16.42
C GLN C 70 8.98 25.19 -17.32
N ARG C 71 9.68 25.42 -18.42
CA ARG C 71 9.39 26.54 -19.36
C ARG C 71 9.62 26.08 -20.75
N THR C 72 8.80 26.49 -21.70
CA THR C 72 8.87 26.01 -23.09
C THR C 72 10.21 26.19 -23.72
N LEU C 73 10.83 27.34 -23.45
CA LEU C 73 12.04 27.75 -24.13
C LEU C 73 13.34 27.30 -23.52
N HIS C 74 13.30 26.72 -22.31
CA HIS C 74 14.46 26.49 -21.48
C HIS C 74 14.58 25.04 -20.98
N TYR C 75 15.79 24.70 -20.59
CA TYR C 75 15.99 23.49 -19.77
C TYR C 75 15.37 23.70 -18.39
N GLU C 76 14.96 22.60 -17.75
CA GLU C 76 14.38 22.68 -16.41
C GLU C 76 15.38 23.26 -15.42
N CYS C 77 14.84 23.97 -14.42
CA CYS C 77 15.60 24.41 -13.29
C CYS C 77 15.07 23.76 -12.05
N ILE C 78 15.96 23.60 -11.07
CA ILE C 78 15.57 23.21 -9.75
C ILE C 78 15.56 24.49 -8.89
N VAL C 79 14.48 24.73 -8.15
CA VAL C 79 14.34 25.94 -7.32
C VAL C 79 14.77 25.59 -5.92
N LEU C 80 15.73 26.34 -5.38
CA LEU C 80 16.25 26.11 -4.07
C LEU C 80 16.17 27.43 -3.31
N VAL C 81 16.34 27.33 -1.99
CA VAL C 81 16.36 28.44 -1.10
C VAL C 81 17.63 28.49 -0.30
N LYS C 82 18.06 29.70 -0.04
CA LYS C 82 19.25 29.98 0.77
C LYS C 82 18.76 30.74 1.99
N GLN C 83 19.10 30.21 3.16
CA GLN C 83 18.72 30.83 4.41
C GLN C 83 19.78 30.68 5.49
N PHE C 84 19.78 31.62 6.45
CA PHE C 84 20.64 31.51 7.59
C PHE C 84 20.04 30.46 8.49
N ARG C 85 20.87 29.55 8.98
CA ARG C 85 20.43 28.42 9.77
C ARG C 85 21.21 28.43 11.08
N PRO C 86 20.51 28.75 12.20
CA PRO C 86 21.25 28.93 13.45
C PRO C 86 22.04 27.74 13.94
N PRO C 87 21.53 26.52 13.78
CA PRO C 87 22.35 25.42 14.25
C PRO C 87 23.69 25.32 13.51
N MET C 88 23.71 25.73 12.23
CA MET C 88 24.92 25.70 11.42
C MET C 88 25.80 26.94 11.58
N GLY C 89 25.24 28.06 12.05
CA GLY C 89 26.00 29.29 12.22
C GLY C 89 26.25 29.96 10.87
N GLY C 90 25.41 29.69 9.89
CA GLY C 90 25.67 30.20 8.55
C GLY C 90 24.56 29.83 7.62
N TYR C 91 24.82 30.11 6.34
CA TYR C 91 23.86 30.07 5.33
C TYR C 91 23.89 28.72 4.69
N CYS C 92 22.71 28.18 4.36
CA CYS C 92 22.62 26.87 3.71
C CYS C 92 21.72 26.92 2.54
N ILE C 93 22.01 26.06 1.56
CA ILE C 93 21.30 25.99 0.36
C ILE C 93 20.47 24.69 0.43
N GLU C 94 19.15 24.82 0.32
CA GLU C 94 18.23 23.66 0.51
C GLU C 94 17.06 23.62 -0.40
N PHE C 95 16.39 22.46 -0.42
CA PHE C 95 15.10 22.39 -1.00
C PHE C 95 14.14 23.19 -0.11
N PRO C 96 13.22 23.95 -0.72
CA PRO C 96 12.14 24.47 0.12
C PRO C 96 11.49 23.37 0.98
N ALA C 97 11.17 23.74 2.22
CA ALA C 97 10.85 22.78 3.23
C ALA C 97 10.20 23.42 4.42
N GLY C 98 9.37 22.67 5.12
CA GLY C 98 8.89 23.05 6.45
C GLY C 98 8.14 21.91 7.11
N LEU C 99 7.67 22.14 8.32
CA LEU C 99 6.87 21.15 9.07
C LEU C 99 5.44 21.04 8.55
N ILE C 100 4.95 19.80 8.52
CA ILE C 100 3.55 19.53 8.14
C ILE C 100 2.63 20.03 9.28
N ASP C 101 1.71 20.94 8.98
CA ASP C 101 0.75 21.42 9.99
C ASP C 101 -0.20 20.32 10.42
N ASP C 102 -0.91 20.59 11.52
CA ASP C 102 -1.97 19.71 12.04
C ASP C 102 -3.14 19.63 11.06
N GLY C 103 -3.52 18.42 10.70
CA GLY C 103 -4.63 18.21 9.77
C GLY C 103 -4.26 18.30 8.29
N GLU C 104 -3.05 18.77 7.99
CA GLU C 104 -2.54 19.00 6.62
C GLU C 104 -1.95 17.74 6.06
N THR C 105 -2.27 17.44 4.81
CA THR C 105 -1.58 16.44 4.05
C THR C 105 -0.09 16.89 3.68
N PRO C 106 0.83 15.92 3.48
CA PRO C 106 2.17 16.31 2.98
C PRO C 106 2.08 17.09 1.68
N GLU C 107 1.15 16.68 0.80
CA GLU C 107 0.97 17.37 -0.45
C GLU C 107 0.61 18.83 -0.28
N ALA C 108 -0.24 19.15 0.68
CA ALA C 108 -0.78 20.48 0.79
C ALA C 108 0.33 21.33 1.43
N ALA C 109 1.01 20.73 2.40
CA ALA C 109 2.21 21.33 2.98
C ALA C 109 3.28 21.67 1.93
N ALA C 110 3.49 20.76 0.98
CA ALA C 110 4.48 20.97 0.00
C ALA C 110 4.10 22.20 -0.82
N LEU C 111 2.87 22.27 -1.29
CA LEU C 111 2.45 23.45 -2.10
C LEU C 111 2.44 24.76 -1.32
N ARG C 112 2.04 24.68 -0.05
CA ARG C 112 2.03 25.85 0.84
C ARG C 112 3.43 26.36 1.13
N GLU C 113 4.30 25.47 1.61
CA GLU C 113 5.69 25.85 1.85
C GLU C 113 6.34 26.37 0.56
N LEU C 114 6.05 25.71 -0.58
CA LEU C 114 6.76 26.14 -1.81
C LEU C 114 6.37 27.60 -2.15
N GLU C 115 5.06 27.87 -2.11
CA GLU C 115 4.55 29.19 -2.43
C GLU C 115 5.10 30.25 -1.46
N GLU C 116 5.04 29.96 -0.16
CA GLU C 116 5.58 30.82 0.87
C GLU C 116 7.05 31.17 0.75
N GLU C 117 7.88 30.19 0.40
CA GLU C 117 9.33 30.36 0.46
C GLU C 117 9.90 30.87 -0.87
N THR C 118 9.19 30.64 -1.97
CA THR C 118 9.67 31.03 -3.28
C THR C 118 8.71 31.88 -4.08
N GLY C 119 7.44 31.96 -3.68
CA GLY C 119 6.40 32.58 -4.50
C GLY C 119 5.86 31.80 -5.67
N TYR C 120 6.38 30.61 -5.95
CA TYR C 120 5.89 29.82 -7.05
C TYR C 120 4.63 29.06 -6.73
N LYS C 121 3.76 28.98 -7.72
CA LYS C 121 2.59 28.14 -7.64
C LYS C 121 2.80 26.83 -8.47
N GLY C 122 2.83 25.69 -7.81
CA GLY C 122 3.14 24.39 -8.42
C GLY C 122 2.00 23.40 -8.42
N ASP C 123 2.27 22.26 -9.02
CA ASP C 123 1.37 21.12 -9.11
C ASP C 123 2.14 19.89 -8.56
N ILE C 124 1.49 19.09 -7.72
CA ILE C 124 2.12 17.90 -7.21
C ILE C 124 2.44 16.95 -8.36
N ALA C 125 3.68 16.48 -8.43
CA ALA C 125 4.01 15.36 -9.33
C ALA C 125 4.09 13.99 -8.62
N GLU C 126 4.66 13.94 -7.44
CA GLU C 126 4.94 12.65 -6.78
C GLU C 126 5.24 12.97 -5.32
N CYS C 127 4.91 12.04 -4.43
CA CYS C 127 5.16 12.20 -3.02
C CYS C 127 5.82 10.91 -2.48
N SER C 128 7.01 11.04 -1.89
CA SER C 128 7.74 9.89 -1.29
C SER C 128 7.02 9.36 -0.08
N PRO C 129 7.30 8.11 0.28
CA PRO C 129 6.96 7.70 1.65
C PRO C 129 7.82 8.51 2.70
N ALA C 130 7.52 8.38 3.99
CA ALA C 130 8.32 9.07 5.04
C ALA C 130 9.73 8.55 5.04
N VAL C 131 10.72 9.46 4.89
CA VAL C 131 12.18 9.05 4.71
C VAL C 131 12.97 9.71 5.83
N CYS C 132 13.97 9.02 6.34
CA CYS C 132 14.67 9.51 7.52
C CYS C 132 15.79 10.52 7.14
N MET C 133 15.95 11.48 8.01
CA MET C 133 16.92 12.57 7.85
C MET C 133 18.30 12.24 8.35
N ASP C 134 18.41 11.64 9.52
CA ASP C 134 19.73 11.34 10.08
C ASP C 134 19.52 10.24 11.12
N PRO C 135 19.31 9.00 10.65
CA PRO C 135 18.76 7.96 11.51
C PRO C 135 19.72 7.39 12.57
N GLY C 136 21.03 7.61 12.45
CA GLY C 136 22.00 7.38 13.55
C GLY C 136 21.91 8.39 14.72
N LEU C 137 21.14 9.45 14.54
CA LEU C 137 21.01 10.52 15.51
C LEU C 137 19.60 10.91 15.87
N SER C 138 18.70 11.01 14.89
CA SER C 138 17.34 11.42 15.22
C SER C 138 16.38 10.52 14.55
N ASN C 139 15.13 10.64 14.96
CA ASN C 139 14.03 9.94 14.30
C ASN C 139 13.36 10.82 13.22
N CYS C 140 13.94 11.98 12.90
CA CYS C 140 13.26 12.97 12.05
C CYS C 140 12.97 12.45 10.66
N THR C 141 11.75 12.68 10.18
CA THR C 141 11.30 12.14 8.90
C THR C 141 10.71 13.27 8.03
N ILE C 142 10.86 13.13 6.73
CA ILE C 142 10.13 14.00 5.80
C ILE C 142 9.46 13.18 4.73
N HIS C 143 8.52 13.80 4.02
CA HIS C 143 8.17 13.36 2.65
C HIS C 143 8.89 14.32 1.66
N ILE C 144 9.55 13.72 0.67
CA ILE C 144 10.15 14.40 -0.43
C ILE C 144 9.08 14.45 -1.50
N VAL C 145 8.59 15.66 -1.74
CA VAL C 145 7.50 15.84 -2.66
C VAL C 145 8.01 16.56 -3.90
N THR C 146 7.84 15.90 -5.04
CA THR C 146 8.25 16.47 -6.31
C THR C 146 7.11 17.33 -6.82
N VAL C 147 7.41 18.61 -7.14
CA VAL C 147 6.39 19.56 -7.60
C VAL C 147 6.85 20.20 -8.87
N THR C 148 5.99 20.26 -9.89
CA THR C 148 6.34 20.91 -11.17
C THR C 148 5.78 22.32 -11.10
N ILE C 149 6.55 23.28 -11.59
CA ILE C 149 6.10 24.65 -11.68
C ILE C 149 6.02 25.03 -13.16
N ASN C 150 4.83 25.40 -13.68
CA ASN C 150 4.69 26.03 -15.01
C ASN C 150 5.19 27.49 -14.92
N GLY C 151 6.46 27.64 -15.28
CA GLY C 151 7.16 28.94 -15.38
C GLY C 151 6.68 29.87 -16.47
N ASP C 152 5.85 29.40 -17.38
CA ASP C 152 5.31 30.21 -18.46
C ASP C 152 3.90 30.72 -18.20
N ASP C 153 3.22 30.17 -17.22
CA ASP C 153 1.96 30.69 -16.80
C ASP C 153 2.19 32.10 -16.25
N ALA C 154 1.32 33.03 -16.65
CA ALA C 154 1.41 34.41 -16.20
C ALA C 154 1.40 34.49 -14.68
N GLU C 155 0.61 33.62 -14.03
CA GLU C 155 0.58 33.55 -12.56
C GLU C 155 1.94 33.28 -11.88
N ASN C 156 2.91 32.67 -12.59
CA ASN C 156 4.24 32.49 -12.06
C ASN C 156 5.25 33.52 -12.58
N ALA C 157 4.79 34.56 -13.30
CA ALA C 157 5.70 35.51 -13.96
C ALA C 157 6.58 36.30 -12.98
N ARG C 158 5.99 36.71 -11.88
CA ARG C 158 6.69 37.56 -10.95
C ARG C 158 6.53 36.94 -9.59
N PRO C 159 7.06 35.71 -9.38
CA PRO C 159 6.95 35.07 -8.08
C PRO C 159 7.50 35.93 -6.93
N LYS C 160 6.69 36.11 -5.86
CA LYS C 160 7.14 36.81 -4.64
C LYS C 160 6.95 35.91 -3.45
N PRO C 161 8.05 35.53 -2.77
CA PRO C 161 7.91 34.79 -1.53
C PRO C 161 7.02 35.56 -0.57
N LYS C 162 6.24 34.88 0.25
CA LYS C 162 5.51 35.51 1.36
C LYS C 162 5.90 34.69 2.57
N PRO C 163 7.11 34.93 3.10
CA PRO C 163 7.57 34.09 4.19
C PRO C 163 6.96 34.57 5.50
N GLY C 164 6.93 33.67 6.48
CA GLY C 164 6.45 34.00 7.83
C GLY C 164 7.42 34.91 8.54
N ASP C 165 6.91 35.60 9.56
CA ASP C 165 7.72 36.30 10.54
C ASP C 165 8.91 35.42 10.99
N GLY C 166 10.12 35.97 10.95
CA GLY C 166 11.30 35.18 11.26
C GLY C 166 11.82 34.23 10.17
N GLU C 167 11.18 34.15 8.99
CA GLU C 167 11.71 33.41 7.83
C GLU C 167 12.33 34.43 6.89
N PHE C 168 13.57 34.21 6.51
CA PHE C 168 14.24 35.12 5.57
C PHE C 168 14.88 34.24 4.51
N VAL C 169 14.38 34.35 3.29
CA VAL C 169 14.69 33.35 2.30
C VAL C 169 15.03 34.04 1.03
N GLU C 170 16.06 33.52 0.37
CA GLU C 170 16.46 33.95 -0.94
C GLU C 170 16.32 32.72 -1.84
N VAL C 171 15.97 32.98 -3.10
CA VAL C 171 15.54 31.98 -4.03
C VAL C 171 16.65 31.91 -5.06
N ILE C 172 17.11 30.70 -5.32
CA ILE C 172 18.11 30.44 -6.36
C ILE C 172 17.50 29.33 -7.23
N SER C 173 17.39 29.52 -8.54
CA SER C 173 17.02 28.47 -9.51
C SER C 173 18.24 28.03 -10.33
N LEU C 174 18.58 26.75 -10.29
CA LEU C 174 19.73 26.28 -11.03
C LEU C 174 19.32 25.25 -12.05
N PRO C 175 19.98 25.25 -13.24
CA PRO C 175 19.64 24.28 -14.27
C PRO C 175 19.83 22.85 -13.77
N LYS C 176 18.82 22.00 -13.98
CA LYS C 176 18.89 20.59 -13.60
C LYS C 176 20.07 19.87 -14.29
N ASN C 177 20.30 20.21 -15.57
CA ASN C 177 21.33 19.58 -16.39
C ASN C 177 22.76 20.07 -16.03
N ASP C 178 22.87 20.93 -15.04
CA ASP C 178 24.20 21.34 -14.56
C ASP C 178 24.24 21.57 -13.05
N LEU C 179 23.41 20.84 -12.31
CA LEU C 179 23.14 21.19 -10.93
C LEU C 179 24.38 21.13 -10.09
N LEU C 180 25.10 20.00 -10.15
CA LEU C 180 26.26 19.84 -9.30
C LEU C 180 27.31 20.94 -9.50
N GLN C 181 27.74 21.18 -10.75
CA GLN C 181 28.71 22.23 -11.09
C GLN C 181 28.26 23.62 -10.58
N ARG C 182 27.01 23.95 -10.78
CA ARG C 182 26.49 25.20 -10.29
C ARG C 182 26.46 25.28 -8.78
N LEU C 183 26.13 24.19 -8.05
CA LEU C 183 26.24 24.17 -6.58
C LEU C 183 27.72 24.36 -6.11
N ASP C 184 28.61 23.58 -6.73
CA ASP C 184 30.05 23.66 -6.52
C ASP C 184 30.52 25.12 -6.76
N ALA C 185 30.02 25.77 -7.79
CA ALA C 185 30.43 27.17 -8.03
C ALA C 185 29.97 28.13 -6.95
N LEU C 186 28.71 28.00 -6.49
CA LEU C 186 28.20 28.80 -5.34
C LEU C 186 28.97 28.67 -4.06
N VAL C 187 29.32 27.43 -3.74
CA VAL C 187 30.12 27.06 -2.60
C VAL C 187 31.52 27.67 -2.72
N ALA C 188 32.05 27.73 -3.94
CA ALA C 188 33.39 28.29 -4.18
C ALA C 188 33.41 29.79 -3.97
N GLU C 189 32.34 30.50 -4.31
CA GLU C 189 32.32 31.96 -4.21
C GLU C 189 31.94 32.56 -2.81
N GLU C 190 31.29 31.77 -1.95
CA GLU C 190 30.76 32.23 -0.65
C GLU C 190 30.88 31.16 0.39
N HIS C 191 30.75 31.49 1.66
CA HIS C 191 30.61 30.44 2.66
C HIS C 191 29.14 30.10 2.80
N LEU C 192 28.77 28.99 2.17
CA LEU C 192 27.49 28.40 2.33
C LEU C 192 27.67 26.89 2.26
N THR C 193 26.75 26.18 2.93
CA THR C 193 26.71 24.73 3.00
C THR C 193 25.54 24.22 2.16
N VAL C 194 25.79 23.22 1.33
CA VAL C 194 24.72 22.63 0.53
C VAL C 194 24.09 21.54 1.39
N ASP C 195 22.77 21.47 1.34
CA ASP C 195 22.02 20.41 2.03
C ASP C 195 22.41 19.05 1.46
N ALA C 196 22.56 18.05 2.31
CA ALA C 196 22.90 16.67 1.88
C ALA C 196 21.94 16.05 0.86
N ARG C 197 20.66 16.34 1.02
CA ARG C 197 19.62 15.82 0.07
C ARG C 197 19.75 16.48 -1.28
N VAL C 198 19.94 17.81 -1.28
CA VAL C 198 20.27 18.52 -2.49
C VAL C 198 21.50 17.95 -3.22
N TYR C 199 22.59 17.76 -2.51
CA TYR C 199 23.84 17.30 -3.10
C TYR C 199 23.68 15.88 -3.65
N SER C 200 22.99 15.02 -2.94
CA SER C 200 22.69 13.64 -3.42
C SER C 200 21.87 13.65 -4.65
N TYR C 201 20.86 14.53 -4.67
CA TYR C 201 20.07 14.71 -5.86
C TYR C 201 20.96 15.16 -6.99
N ALA C 202 21.83 16.13 -6.72
CA ALA C 202 22.73 16.60 -7.79
C ALA C 202 23.71 15.55 -8.32
N LEU C 203 24.22 14.72 -7.42
CA LEU C 203 25.20 13.70 -7.82
C LEU C 203 24.50 12.66 -8.74
N ALA C 204 23.32 12.21 -8.32
CA ALA C 204 22.55 11.28 -9.23
C ALA C 204 22.21 11.87 -10.62
N LEU C 205 21.87 13.17 -10.70
CA LEU C 205 21.61 13.77 -12.00
C LEU C 205 22.87 13.61 -12.89
N LYS C 206 24.03 13.99 -12.33
CA LYS C 206 25.34 13.77 -12.96
C LYS C 206 25.63 12.30 -13.36
N HIS C 207 25.39 11.37 -12.46
CA HIS C 207 25.66 9.93 -12.70
C HIS C 207 24.69 9.20 -13.62
N ALA C 208 23.47 9.71 -13.81
CA ALA C 208 22.51 8.99 -14.64
C ALA C 208 22.89 9.10 -16.11
N LYS D 15 25.43 39.02 7.06
CA LYS D 15 24.19 39.85 7.22
C LYS D 15 23.37 39.44 8.44
N GLN D 16 23.26 38.13 8.70
CA GLN D 16 22.74 37.57 10.00
C GLN D 16 23.95 36.96 10.72
N TYR D 17 23.92 36.86 12.05
CA TYR D 17 25.07 36.37 12.83
C TYR D 17 24.61 35.65 14.09
N ILE D 18 25.45 34.75 14.60
CA ILE D 18 25.27 34.07 15.89
C ILE D 18 25.80 35.04 16.96
N ILE D 19 25.03 35.22 18.02
CA ILE D 19 25.36 36.14 19.12
C ILE D 19 25.94 35.30 20.23
N SER D 20 25.29 34.20 20.60
CA SER D 20 25.75 33.31 21.68
C SER D 20 25.18 31.93 21.60
N GLU D 21 25.86 30.97 22.23
CA GLU D 21 25.44 29.58 22.25
C GLU D 21 25.43 28.97 23.68
N GLU D 22 24.28 29.03 24.36
CA GLU D 22 24.11 28.46 25.72
C GLU D 22 23.95 26.94 25.67
N LEU D 23 24.92 26.20 26.24
CA LEU D 23 24.77 24.76 26.44
C LEU D 23 23.54 24.51 27.31
N ILE D 24 22.65 23.61 26.88
CA ILE D 24 21.48 23.22 27.69
C ILE D 24 21.66 21.83 28.31
N SER D 25 22.19 20.88 27.56
CA SER D 25 22.40 19.53 28.06
C SER D 25 23.39 18.79 27.15
N GLU D 26 24.27 17.99 27.77
CA GLU D 26 25.41 17.39 27.07
C GLU D 26 25.65 15.93 27.49
N GLY D 27 25.27 14.98 26.63
CA GLY D 27 25.56 13.55 26.82
C GLY D 27 26.89 13.14 26.25
N LYS D 28 27.14 11.83 26.15
CA LYS D 28 28.44 11.31 25.67
C LYS D 28 28.73 11.57 24.18
N TRP D 29 27.68 11.55 23.34
CA TRP D 29 27.80 11.70 21.87
C TRP D 29 27.10 12.95 21.27
N VAL D 30 26.17 13.54 22.02
CA VAL D 30 25.21 14.51 21.48
C VAL D 30 24.86 15.52 22.55
N LYS D 31 24.79 16.80 22.18
CA LYS D 31 24.39 17.88 23.11
C LYS D 31 23.35 18.80 22.49
N LEU D 32 22.65 19.54 23.34
CA LEU D 32 21.59 20.46 22.94
C LEU D 32 21.99 21.86 23.38
N GLU D 33 21.58 22.89 22.64
CA GLU D 33 21.98 24.28 22.88
C GLU D 33 20.92 25.26 22.49
N LYS D 34 20.82 26.37 23.24
CA LYS D 34 19.98 27.50 22.87
C LYS D 34 20.86 28.54 22.17
N THR D 35 20.51 28.87 20.93
CA THR D 35 21.32 29.73 20.09
C THR D 35 20.62 31.06 19.99
N THR D 36 21.36 32.14 20.21
CA THR D 36 20.81 33.47 19.97
C THR D 36 21.43 34.07 18.74
N TYR D 37 20.65 34.72 17.91
CA TYR D 37 21.18 35.22 16.66
C TYR D 37 20.47 36.47 16.30
N MET D 38 21.01 37.20 15.36
CA MET D 38 20.43 38.43 14.91
C MET D 38 19.88 38.22 13.51
N ASP D 39 18.57 38.47 13.32
CA ASP D 39 17.95 38.38 12.00
C ASP D 39 18.35 39.57 11.12
N PRO D 40 17.94 39.59 9.86
CA PRO D 40 18.43 40.73 9.06
C PRO D 40 17.87 42.09 9.50
N THR D 41 16.69 42.14 10.09
CA THR D 41 16.06 43.41 10.47
C THR D 41 16.62 43.99 11.77
N GLY D 42 17.77 43.50 12.26
CA GLY D 42 18.31 43.87 13.58
C GLY D 42 17.64 43.30 14.83
N LYS D 43 16.66 42.42 14.67
CA LYS D 43 15.97 41.79 15.82
C LYS D 43 16.70 40.52 16.35
N THR D 44 16.76 40.37 17.67
CA THR D 44 17.39 39.22 18.32
C THR D 44 16.38 38.08 18.46
N ARG D 45 16.77 36.86 18.08
CA ARG D 45 15.88 35.69 18.18
C ARG D 45 16.65 34.51 18.73
N THR D 46 15.92 33.47 19.12
CA THR D 46 16.60 32.27 19.57
C THR D 46 16.18 31.03 18.77
N TRP D 47 16.90 29.94 19.00
CA TRP D 47 16.74 28.68 18.28
C TRP D 47 17.28 27.56 19.15
N GLU D 48 16.75 26.35 19.03
CA GLU D 48 17.28 25.17 19.78
C GLU D 48 17.96 24.31 18.76
N SER D 49 19.19 23.90 19.09
CA SER D 49 20.15 23.32 18.16
C SER D 49 20.91 22.12 18.75
N VAL D 50 21.08 21.11 17.93
CA VAL D 50 21.68 19.88 18.32
C VAL D 50 23.09 19.82 17.69
N LYS D 51 24.07 19.38 18.48
CA LYS D 51 25.42 19.16 17.96
C LYS D 51 25.94 17.85 18.54
N ARG D 52 26.83 17.20 17.80
CA ARG D 52 27.59 16.06 18.32
C ARG D 52 28.81 16.59 19.07
N THR D 53 29.45 15.73 19.85
CA THR D 53 30.53 16.13 20.75
C THR D 53 31.79 15.40 20.32
N THR D 54 31.95 15.21 19.01
CA THR D 54 32.92 14.25 18.46
C THR D 54 33.64 14.85 17.26
N ALA D 60 34.21 17.84 8.60
CA ALA D 60 32.85 17.35 8.88
C ALA D 60 32.78 16.24 9.93
N ASP D 61 31.59 15.93 10.43
CA ASP D 61 31.43 14.80 11.40
C ASP D 61 31.63 13.40 10.75
N GLY D 62 30.98 13.18 9.61
CA GLY D 62 30.91 11.83 9.02
C GLY D 62 31.22 11.82 7.54
N VAL D 63 31.18 10.59 7.02
CA VAL D 63 31.10 10.35 5.60
C VAL D 63 29.87 9.47 5.31
N ALA D 64 29.35 9.62 4.10
CA ALA D 64 28.39 8.66 3.53
C ALA D 64 28.96 8.28 2.22
N VAL D 65 28.84 7.01 1.87
CA VAL D 65 29.47 6.53 0.66
C VAL D 65 28.38 6.13 -0.36
N ILE D 66 28.57 6.54 -1.61
CA ILE D 66 27.71 6.13 -2.71
C ILE D 66 28.50 5.06 -3.48
N PRO D 67 28.24 3.77 -3.19
CA PRO D 67 29.09 2.78 -3.77
C PRO D 67 28.45 2.13 -5.05
N VAL D 68 29.09 2.35 -6.19
CA VAL D 68 28.65 1.91 -7.50
C VAL D 68 29.45 0.60 -7.93
N LEU D 69 28.83 -0.53 -7.78
CA LEU D 69 29.48 -1.82 -8.15
C LEU D 69 29.40 -2.03 -9.67
N GLN D 70 30.56 -2.04 -10.33
CA GLN D 70 30.69 -2.14 -11.78
C GLN D 70 31.27 -3.50 -12.23
N ARG D 71 30.58 -4.23 -13.12
CA ARG D 71 31.19 -5.34 -13.88
C ARG D 71 30.99 -5.12 -15.37
N THR D 72 32.01 -5.42 -16.16
CA THR D 72 31.84 -5.32 -17.62
C THR D 72 30.72 -6.25 -18.09
N LEU D 73 30.03 -5.84 -19.14
CA LEU D 73 28.90 -6.62 -19.65
C LEU D 73 27.71 -6.77 -18.66
N HIS D 74 27.65 -5.91 -17.64
CA HIS D 74 26.57 -5.98 -16.65
C HIS D 74 26.08 -4.53 -16.30
N TYR D 75 24.91 -4.42 -15.71
CA TYR D 75 24.32 -3.14 -15.22
C TYR D 75 25.07 -2.77 -13.96
N GLU D 76 25.10 -1.48 -13.62
CA GLU D 76 25.64 -1.04 -12.32
C GLU D 76 24.63 -1.27 -11.18
N CYS D 77 25.15 -1.50 -9.98
CA CYS D 77 24.40 -1.65 -8.75
C CYS D 77 24.94 -0.68 -7.72
N ILE D 78 24.05 -0.30 -6.81
CA ILE D 78 24.34 0.73 -5.80
C ILE D 78 24.29 -0.08 -4.54
N VAL D 79 25.36 -0.10 -3.79
CA VAL D 79 25.39 -0.98 -2.63
C VAL D 79 24.91 -0.19 -1.41
N LEU D 80 23.85 -0.63 -0.79
CA LEU D 80 23.32 0.03 0.37
C LEU D 80 23.52 -0.87 1.54
N VAL D 81 23.15 -0.38 2.74
CA VAL D 81 23.14 -1.21 3.92
C VAL D 81 21.90 -0.99 4.74
N LYS D 82 21.42 -2.05 5.40
CA LYS D 82 20.31 -1.98 6.36
C LYS D 82 20.84 -2.36 7.70
N GLN D 83 20.28 -1.72 8.71
CA GLN D 83 20.67 -1.89 10.09
C GLN D 83 19.59 -1.25 10.92
N PHE D 84 19.48 -1.70 12.16
CA PHE D 84 18.59 -1.15 13.16
C PHE D 84 19.15 0.20 13.63
N ARG D 85 18.28 1.21 13.69
CA ARG D 85 18.63 2.53 14.14
C ARG D 85 17.85 2.86 15.41
N PRO D 86 18.52 2.78 16.57
CA PRO D 86 17.79 3.07 17.83
C PRO D 86 16.99 4.33 17.81
N PRO D 87 17.53 5.44 17.26
CA PRO D 87 16.72 6.64 17.27
C PRO D 87 15.41 6.52 16.41
N MET D 88 15.46 5.75 15.32
CA MET D 88 14.28 5.54 14.48
C MET D 88 13.40 4.40 15.04
N GLY D 89 13.88 3.69 16.05
CA GLY D 89 13.17 2.51 16.48
C GLY D 89 12.95 1.45 15.41
N GLY D 90 13.84 1.28 14.44
CA GLY D 90 13.60 0.25 13.45
C GLY D 90 14.69 0.24 12.44
N TYR D 91 14.50 -0.55 11.41
CA TYR D 91 15.54 -0.73 10.44
C TYR D 91 15.44 0.37 9.35
N CYS D 92 16.61 0.83 8.86
CA CYS D 92 16.71 1.86 7.88
C CYS D 92 17.65 1.35 6.84
N ILE D 93 17.32 1.72 5.61
CA ILE D 93 18.18 1.48 4.46
C ILE D 93 18.93 2.77 4.14
N GLU D 94 20.26 2.68 4.10
CA GLU D 94 21.10 3.86 3.96
C GLU D 94 22.28 3.59 3.09
N PHE D 95 22.93 4.67 2.62
CA PHE D 95 24.25 4.56 2.08
C PHE D 95 25.21 4.10 3.23
N PRO D 96 26.22 3.28 2.92
CA PRO D 96 27.19 2.99 4.01
C PRO D 96 27.82 4.30 4.49
N ALA D 97 28.02 4.39 5.80
CA ALA D 97 28.40 5.65 6.40
C ALA D 97 29.04 5.41 7.72
N GLY D 98 29.92 6.35 8.10
CA GLY D 98 30.52 6.36 9.44
C GLY D 98 31.17 7.68 9.84
N LEU D 99 31.43 7.85 11.14
CA LEU D 99 32.16 9.05 11.59
C LEU D 99 33.62 8.98 11.13
N ILE D 100 34.18 10.16 10.90
CA ILE D 100 35.55 10.28 10.47
C ILE D 100 36.40 10.20 11.79
N ASP D 101 37.48 9.42 11.74
CA ASP D 101 38.38 9.20 12.91
C ASP D 101 39.36 10.38 12.97
N ASP D 102 39.88 10.75 14.15
CA ASP D 102 40.88 11.87 14.24
C ASP D 102 42.08 11.65 13.30
N GLY D 103 42.38 12.65 12.47
CA GLY D 103 43.50 12.61 11.50
C GLY D 103 43.35 11.70 10.28
N GLU D 104 42.12 11.30 10.00
CA GLU D 104 41.79 10.49 8.83
C GLU D 104 41.18 11.45 7.86
N THR D 105 41.61 11.43 6.61
CA THR D 105 40.95 12.21 5.55
C THR D 105 39.53 11.61 5.27
N PRO D 106 38.58 12.44 4.74
CA PRO D 106 37.26 11.90 4.27
C PRO D 106 37.36 10.70 3.30
N GLU D 107 38.20 10.83 2.26
CA GLU D 107 38.37 9.77 1.26
C GLU D 107 38.80 8.47 1.94
N ALA D 108 39.72 8.52 2.90
CA ALA D 108 40.25 7.30 3.48
C ALA D 108 39.16 6.73 4.40
N ALA D 109 38.39 7.61 5.07
CA ALA D 109 37.31 7.08 5.93
C ALA D 109 36.24 6.39 5.05
N ALA D 110 36.01 6.90 3.86
CA ALA D 110 34.94 6.34 3.02
C ALA D 110 35.36 4.90 2.66
N LEU D 111 36.58 4.78 2.10
CA LEU D 111 37.11 3.43 1.74
C LEU D 111 37.10 2.49 2.93
N ARG D 112 37.53 3.03 4.08
CA ARG D 112 37.50 2.22 5.28
C ARG D 112 36.13 1.80 5.63
N GLU D 113 35.24 2.75 5.76
CA GLU D 113 33.88 2.43 6.22
C GLU D 113 33.11 1.54 5.19
N LEU D 114 33.37 1.72 3.92
CA LEU D 114 32.79 0.82 2.88
C LEU D 114 33.30 -0.64 2.98
N GLU D 115 34.62 -0.85 3.15
CA GLU D 115 35.14 -2.22 3.44
C GLU D 115 34.61 -2.75 4.76
N GLU D 116 34.56 -1.94 5.82
CA GLU D 116 33.97 -2.48 7.05
C GLU D 116 32.52 -2.93 6.90
N GLU D 117 31.71 -2.09 6.27
CA GLU D 117 30.28 -2.29 6.31
C GLU D 117 29.82 -3.24 5.18
N THR D 118 30.57 -3.29 4.10
CA THR D 118 30.21 -4.11 2.94
C THR D 118 31.23 -5.21 2.54
N GLY D 119 32.48 -5.07 2.91
CA GLY D 119 33.53 -5.95 2.42
C GLY D 119 34.18 -5.46 1.14
N TYR D 120 33.59 -4.49 0.42
CA TYR D 120 34.16 -4.11 -0.86
C TYR D 120 35.37 -3.14 -0.73
N LYS D 121 36.25 -3.18 -1.73
CA LYS D 121 37.44 -2.35 -1.85
C LYS D 121 37.21 -1.47 -3.05
N GLY D 122 36.98 -0.18 -2.77
CA GLY D 122 36.59 0.76 -3.78
C GLY D 122 37.70 1.63 -4.20
N ASP D 123 37.43 2.42 -5.23
CA ASP D 123 38.28 3.50 -5.65
C ASP D 123 37.49 4.82 -5.57
N ILE D 124 38.15 5.87 -5.10
CA ILE D 124 37.55 7.18 -5.01
C ILE D 124 37.29 7.71 -6.40
N ALA D 125 36.04 8.12 -6.65
CA ALA D 125 35.69 8.84 -7.87
C ALA D 125 35.57 10.32 -7.56
N GLU D 126 34.92 10.68 -6.45
CA GLU D 126 34.80 12.13 -6.09
C GLU D 126 34.33 12.24 -4.65
N CYS D 127 34.48 13.43 -4.09
CA CYS D 127 34.21 13.69 -2.68
C CYS D 127 33.59 15.09 -2.59
N SER D 128 32.45 15.22 -1.91
CA SER D 128 31.74 16.51 -1.82
C SER D 128 32.48 17.38 -0.80
N PRO D 129 32.22 18.70 -0.81
CA PRO D 129 32.52 19.46 0.44
C PRO D 129 31.59 19.01 1.56
N ALA D 130 31.78 19.53 2.75
CA ALA D 130 30.94 19.15 3.88
C ALA D 130 29.53 19.67 3.61
N VAL D 131 28.57 18.77 3.78
CA VAL D 131 27.14 19.04 3.45
C VAL D 131 26.35 18.82 4.72
N CYS D 132 25.28 19.60 4.93
CA CYS D 132 24.49 19.54 6.14
C CYS D 132 23.38 18.47 6.13
N MET D 133 23.30 17.74 7.24
CA MET D 133 22.37 16.66 7.43
C MET D 133 20.94 17.10 7.73
N ASP D 134 20.76 18.12 8.56
CA ASP D 134 19.44 18.63 8.85
C ASP D 134 19.60 20.03 9.47
N PRO D 135 19.80 21.07 8.64
CA PRO D 135 20.40 22.30 9.17
C PRO D 135 19.46 23.09 10.03
N GLY D 136 18.15 22.85 9.92
CA GLY D 136 17.14 23.45 10.82
C GLY D 136 17.16 22.89 12.27
N LEU D 137 17.94 21.85 12.48
CA LEU D 137 17.98 21.14 13.76
C LEU D 137 19.35 20.97 14.35
N SER D 138 20.31 20.59 13.55
CA SER D 138 21.60 20.18 14.00
C SER D 138 22.66 20.84 13.14
N ASN D 139 23.92 20.75 13.60
CA ASN D 139 25.04 21.29 12.83
C ASN D 139 25.74 20.16 12.12
N CYS D 140 25.16 18.96 12.09
CA CYS D 140 25.95 17.81 11.67
C CYS D 140 26.13 17.89 10.18
N THR D 141 27.32 17.45 9.74
CA THR D 141 27.66 17.51 8.35
C THR D 141 28.39 16.22 7.99
N ILE D 142 28.42 15.92 6.70
CA ILE D 142 29.19 14.81 6.16
C ILE D 142 29.86 15.16 4.86
N HIS D 143 30.81 14.35 4.44
CA HIS D 143 31.25 14.38 3.05
C HIS D 143 30.56 13.21 2.37
N ILE D 144 29.92 13.47 1.23
CA ILE D 144 29.34 12.36 0.43
C ILE D 144 30.41 11.92 -0.55
N VAL D 145 30.85 10.65 -0.46
CA VAL D 145 31.97 10.20 -1.27
C VAL D 145 31.45 9.14 -2.23
N THR D 146 31.65 9.37 -3.53
CA THR D 146 31.22 8.47 -4.60
C THR D 146 32.41 7.52 -4.82
N VAL D 147 32.16 6.22 -4.72
CA VAL D 147 33.20 5.17 -4.76
C VAL D 147 32.81 4.09 -5.78
N THR D 148 33.65 3.87 -6.80
CA THR D 148 33.43 2.79 -7.78
C THR D 148 34.07 1.52 -7.25
N ILE D 149 33.39 0.40 -7.44
CA ILE D 149 33.89 -0.89 -7.00
C ILE D 149 34.09 -1.71 -8.26
N ASN D 150 35.31 -2.23 -8.45
CA ASN D 150 35.68 -2.99 -9.65
C ASN D 150 35.35 -4.42 -9.31
N GLY D 151 34.10 -4.80 -9.58
CA GLY D 151 33.57 -6.11 -9.27
C GLY D 151 34.14 -7.21 -10.18
N ASP D 152 34.95 -6.85 -11.20
CA ASP D 152 35.78 -7.84 -11.97
C ASP D 152 37.22 -8.08 -11.40
N ASP D 153 37.45 -7.69 -10.14
CA ASP D 153 38.69 -7.95 -9.45
C ASP D 153 38.33 -9.00 -8.42
N ALA D 154 39.30 -9.90 -8.19
CA ALA D 154 39.13 -11.03 -7.27
C ALA D 154 38.81 -10.58 -5.79
N GLU D 155 39.44 -9.50 -5.33
CA GLU D 155 39.14 -8.85 -4.04
C GLU D 155 37.66 -8.68 -3.79
N ASN D 156 36.96 -8.28 -4.84
CA ASN D 156 35.51 -8.01 -4.81
C ASN D 156 34.60 -9.11 -5.32
N ALA D 157 35.15 -10.31 -5.59
CA ALA D 157 34.34 -11.43 -6.09
C ALA D 157 33.15 -11.77 -5.16
N ARG D 158 33.43 -11.88 -3.86
CA ARG D 158 32.41 -12.25 -2.87
C ARG D 158 32.86 -11.91 -1.44
N PRO D 159 33.31 -10.66 -1.20
CA PRO D 159 33.81 -10.28 0.14
C PRO D 159 32.67 -10.12 1.17
N LYS D 160 33.02 -10.23 2.47
CA LYS D 160 32.03 -10.15 3.57
C LYS D 160 32.41 -9.02 4.54
N PRO D 161 31.39 -8.42 5.19
CA PRO D 161 31.68 -7.23 6.00
C PRO D 161 32.63 -7.57 7.15
N LYS D 162 33.52 -6.65 7.53
CA LYS D 162 34.25 -6.72 8.83
C LYS D 162 33.73 -5.66 9.83
N PRO D 163 32.58 -5.92 10.45
CA PRO D 163 32.02 -4.88 11.29
C PRO D 163 32.74 -4.73 12.62
N GLY D 164 32.68 -3.50 13.15
CA GLY D 164 33.10 -3.21 14.51
C GLY D 164 32.15 -3.74 15.56
N ASP D 165 32.42 -3.41 16.81
CA ASP D 165 31.64 -3.89 17.94
C ASP D 165 30.30 -3.18 17.98
N GLY D 166 29.23 -3.93 18.23
CA GLY D 166 27.88 -3.38 18.21
C GLY D 166 27.37 -2.89 16.85
N GLU D 167 28.00 -3.34 15.74
CA GLU D 167 27.70 -2.88 14.37
C GLU D 167 27.23 -4.11 13.60
N PHE D 168 25.95 -4.13 13.21
CA PHE D 168 25.33 -5.29 12.56
C PHE D 168 24.64 -4.77 11.30
N VAL D 169 25.20 -5.10 10.14
CA VAL D 169 24.78 -4.51 8.88
C VAL D 169 24.48 -5.60 7.86
N GLU D 170 23.32 -5.52 7.19
CA GLU D 170 23.02 -6.32 5.99
C GLU D 170 23.32 -5.46 4.76
N VAL D 171 24.09 -6.01 3.84
CA VAL D 171 24.36 -5.42 2.54
C VAL D 171 23.10 -5.67 1.67
N ILE D 172 22.67 -4.64 0.94
CA ILE D 172 21.51 -4.72 0.02
C ILE D 172 22.01 -4.04 -1.23
N SER D 173 22.39 -4.83 -2.21
CA SER D 173 22.83 -4.30 -3.50
C SER D 173 21.63 -4.21 -4.48
N LEU D 174 21.31 -3.02 -4.96
CA LEU D 174 20.16 -2.80 -5.88
C LEU D 174 20.64 -2.25 -7.21
N PRO D 175 20.02 -2.71 -8.33
CA PRO D 175 20.44 -2.15 -9.62
C PRO D 175 20.18 -0.65 -9.66
N LYS D 176 21.16 0.09 -10.12
CA LYS D 176 21.07 1.50 -10.31
C LYS D 176 19.84 1.88 -11.19
N ASN D 177 19.59 1.07 -12.22
CA ASN D 177 18.59 1.33 -13.21
C ASN D 177 17.14 1.27 -12.73
N ASP D 178 16.87 0.72 -11.55
CA ASP D 178 15.54 0.61 -11.14
C ASP D 178 15.45 0.96 -9.70
N LEU D 179 16.37 1.83 -9.24
CA LEU D 179 16.61 2.00 -7.85
C LEU D 179 15.37 2.45 -7.15
N LEU D 180 14.72 3.47 -7.70
CA LEU D 180 13.61 4.07 -7.01
C LEU D 180 12.48 3.05 -6.81
N GLN D 181 12.18 2.27 -7.87
CA GLN D 181 11.05 1.27 -7.82
C GLN D 181 11.36 0.23 -6.75
N ARG D 182 12.62 -0.19 -6.70
CA ARG D 182 13.03 -1.23 -5.74
C ARG D 182 12.97 -0.75 -4.36
N LEU D 183 13.30 0.52 -4.14
CA LEU D 183 13.13 1.09 -2.83
C LEU D 183 11.69 1.17 -2.45
N ASP D 184 10.85 1.63 -3.36
CA ASP D 184 9.39 1.75 -3.07
C ASP D 184 8.80 0.40 -2.67
N ALA D 185 9.21 -0.65 -3.35
CA ALA D 185 8.77 -2.02 -3.15
C ALA D 185 9.20 -2.56 -1.76
N LEU D 186 10.47 -2.36 -1.38
CA LEU D 186 10.93 -2.65 0.00
C LEU D 186 10.05 -1.98 1.02
N VAL D 187 9.73 -0.71 0.80
CA VAL D 187 8.89 0.02 1.75
C VAL D 187 7.44 -0.45 1.79
N ALA D 188 6.95 -0.97 0.66
CA ALA D 188 5.57 -1.42 0.60
C ALA D 188 5.46 -2.75 1.37
N GLU D 189 6.54 -3.54 1.34
CA GLU D 189 6.51 -4.91 1.89
C GLU D 189 7.16 -5.09 3.25
N GLU D 190 8.18 -4.31 3.60
CA GLU D 190 8.94 -4.52 4.83
C GLU D 190 8.92 -3.35 5.81
N HIS D 191 9.15 -3.67 7.08
CA HIS D 191 9.06 -2.73 8.17
C HIS D 191 10.43 -2.07 8.10
N LEU D 192 10.55 -1.03 7.31
CA LEU D 192 11.83 -0.31 7.25
C LEU D 192 11.60 1.11 6.73
N THR D 193 12.61 1.96 6.91
CA THR D 193 12.60 3.34 6.41
C THR D 193 13.83 3.51 5.47
N VAL D 194 13.62 4.18 4.35
CA VAL D 194 14.68 4.44 3.41
C VAL D 194 15.16 5.82 3.89
N ASP D 195 16.43 6.04 3.69
CA ASP D 195 17.05 7.32 4.05
C ASP D 195 16.77 8.35 2.99
N ALA D 196 16.56 9.57 3.43
CA ALA D 196 16.28 10.68 2.54
C ALA D 196 17.31 10.95 1.48
N ARG D 197 18.59 10.80 1.81
N ARG D 197 18.61 10.79 1.83
CA ARG D 197 19.66 10.98 0.83
CA ARG D 197 19.72 10.95 0.88
C ARG D 197 19.64 9.86 -0.22
C ARG D 197 19.61 9.86 -0.21
N VAL D 198 19.38 8.63 0.21
CA VAL D 198 19.23 7.48 -0.76
C VAL D 198 18.00 7.73 -1.71
N TYR D 199 16.90 8.19 -1.13
CA TYR D 199 15.70 8.43 -1.84
C TYR D 199 15.87 9.61 -2.80
N SER D 200 16.54 10.68 -2.36
CA SER D 200 16.82 11.81 -3.27
C SER D 200 17.71 11.37 -4.41
N TYR D 201 18.72 10.53 -4.11
CA TYR D 201 19.57 9.93 -5.16
C TYR D 201 18.73 9.18 -6.20
N ALA D 202 17.92 8.27 -5.72
CA ALA D 202 17.05 7.46 -6.58
C ALA D 202 16.02 8.32 -7.43
N LEU D 203 15.41 9.33 -6.82
CA LEU D 203 14.54 10.24 -7.55
C LEU D 203 15.24 10.87 -8.71
N ALA D 204 16.44 11.41 -8.46
CA ALA D 204 17.20 12.08 -9.49
C ALA D 204 17.61 11.18 -10.65
N LEU D 205 17.83 9.87 -10.40
CA LEU D 205 18.13 8.95 -11.52
C LEU D 205 16.94 8.91 -12.47
N LYS D 206 15.73 9.09 -11.96
CA LYS D 206 14.56 9.15 -12.81
C LYS D 206 14.38 10.52 -13.41
N HIS D 207 14.70 11.58 -12.66
CA HIS D 207 14.44 12.95 -13.17
C HIS D 207 15.42 13.42 -14.18
N ALA D 208 16.64 12.92 -14.12
CA ALA D 208 17.68 13.23 -15.13
C ALA D 208 17.15 13.15 -16.50
N ASN D 209 17.66 14.08 -17.32
CA ASN D 209 17.30 14.47 -18.72
C ASN D 209 16.48 15.79 -18.90
MG MG E . -9.14 -23.93 -7.11
MG MG F . -7.63 -26.55 -6.52
CL CL G . -17.79 4.22 3.76
C1 EDO H . -19.07 -23.37 -5.73
O1 EDO H . -19.62 -22.86 -6.97
C2 EDO H . -17.57 -23.11 -5.65
O2 EDO H . -17.36 -21.68 -5.74
C1 EDO I . -24.27 12.59 8.06
O1 EDO I . -24.74 11.91 6.89
C2 EDO I . -25.43 12.73 9.04
O2 EDO I . -26.12 11.46 9.21
MG MG J . -32.50 -8.03 -5.72
MG MG K . -34.79 -5.17 -6.93
C1 EDO L . -25.28 -12.11 -11.24
O1 EDO L . -25.59 -13.50 -11.05
C2 EDO L . -25.90 -11.28 -10.13
O2 EDO L . -25.50 -11.78 -8.85
C1 EDO M . -0.24 26.79 -14.07
O1 EDO M . 0.61 27.31 -13.00
C2 EDO M . -0.50 25.28 -13.92
O2 EDO M . -1.40 25.09 -12.82
MG MG N . 9.80 26.45 6.60
MG MG O . 11.58 26.26 5.56
O3 6SU P . 26.78 1.79 19.59
C4 6SU P . 28.22 6.46 16.98
C5 6SU P . 28.67 5.20 17.41
C6 6SU P . 28.11 4.61 18.57
C7 6SU P . 27.06 5.30 19.30
C8 6SU P . 27.68 1.72 17.20
S 6SU P . 28.00 1.82 18.86
O2 6SU P . 28.96 0.82 19.13
N 6SU P . 28.65 3.37 19.02
C3 6SU P . 27.22 7.17 17.68
C2 6SU P . 26.62 6.58 18.84
C1 6SU P . 25.50 7.30 19.63
O1 6SU P . 25.15 6.89 20.74
O 6SU P . 24.71 8.41 19.29
C 6SU P . 24.73 9.13 18.06
C1 EDO Q . 12.75 18.64 9.16
O1 EDO Q . 13.83 18.62 8.21
C2 EDO Q . 12.87 17.42 10.05
O2 EDO Q . 13.99 17.60 10.93
MG MG R . 27.84 3.08 9.86
MG MG S . 29.81 3.15 10.90
O3 6SU T . 10.13 31.89 14.03
C4 6SU T . 10.87 26.93 13.84
C5 6SU T . 10.78 28.31 14.14
C6 6SU T . 11.56 28.85 15.22
C7 6SU T . 12.44 27.98 15.98
C8 6SU T . 11.81 32.82 15.71
S 6SU T . 11.43 31.65 14.55
O2 6SU T . 12.48 31.62 13.60
N 6SU T . 11.43 30.26 15.56
C3 6SU T . 11.72 26.08 14.57
C2 6SU T . 12.51 26.61 15.63
C1 6SU T . 13.49 25.68 16.31
O1 6SU T . 14.15 25.97 17.30
O 6SU T . 13.68 24.39 15.80
C 6SU T . 14.59 23.44 16.35
#